data_1E6E
#
_entry.id   1E6E
#
_cell.length_a   92.210
_cell.length_b   92.210
_cell.length_c   607.850
_cell.angle_alpha   90.00
_cell.angle_beta   90.00
_cell.angle_gamma   120.00
#
_symmetry.space_group_name_H-M   'P 65 2 2'
#
loop_
_entity.id
_entity.type
_entity.pdbx_description
1 polymer 'NADPH\:ADRENODOXIN OXIDOREDUCTASE'
2 polymer ADRENODOXIN
3 non-polymer 'FLAVIN-ADENINE DINUCLEOTIDE'
4 non-polymer 'SULFATE ION'
5 non-polymer 'FE2/S2 (INORGANIC) CLUSTER'
6 water water
#
loop_
_entity_poly.entity_id
_entity_poly.type
_entity_poly.pdbx_seq_one_letter_code
_entity_poly.pdbx_strand_id
1 'polypeptide(L)'
;STQEQTPQICVVGSGPAGFYTAQHLLKHHSRAHVDIYEKQLVPFGLVRFGVAPDHPEVKNVINTFTQTARSDRCAFYGNV
EVGRDVTVQELQDAYHAVVLSYGAEDHQALDIPGEELPGVFSARAFVGWYNGLPENRELAPDLSCDTAVILGQGNVALDV
ARILLTPPDHLEKTDITEAALGALRQSRVKTVWIVGRRGPLQVAFTIKELREMIQLPGTRPMLDPADFLGLQDRIKEAAR
PRKRLMELLLRTATEKPGVEEAARRASASRAWGLRFFRSPQQVLPSPDGRRAAGIRLAVTRLEGIGEATRAVPTGDVEDL
PCGLVLSSIGYKSRPIDPSVPFDPKLGVVPNMEGRVVDVPGLYCSGWVKRGPTGVITTTMTDSFLTGQILLQDLKAGHLP
SGPRPGSAFIKALLDSRGVWPVSFSDWEKLDAEEVSRGQASGKPREKLLDPQEMLRLLGH
;
A,C
2 'polypeptide(L)'
;GSSEDKITVHFINRDGETLTTKGKIGDSLLDVVVQNNLDIDGFGACEGTLACSTCHLIFEQHIFEKLEAITDEENDMLDL
AYGLTDRSRLGCQICLTKAMDNMTVRVPDAVSDARESIDMGMNSSKIE
;
B,D
#
# COMPACT_ATOMS: atom_id res chain seq x y z
N GLU A 4 -9.49 -23.75 38.32
CA GLU A 4 -8.64 -22.57 38.01
C GLU A 4 -8.96 -21.97 36.66
N GLN A 5 -8.37 -20.80 36.38
CA GLN A 5 -8.58 -20.11 35.12
C GLN A 5 -7.71 -20.73 34.02
N THR A 6 -8.21 -20.70 32.79
CA THR A 6 -7.49 -21.24 31.64
C THR A 6 -7.15 -20.07 30.73
N PRO A 7 -6.00 -19.43 30.97
CA PRO A 7 -5.49 -18.29 30.22
C PRO A 7 -5.49 -18.46 28.71
N GLN A 8 -6.04 -17.46 28.01
CA GLN A 8 -6.09 -17.45 26.56
C GLN A 8 -5.15 -16.34 26.11
N ILE A 9 -4.01 -16.72 25.56
CA ILE A 9 -3.01 -15.74 25.12
C ILE A 9 -2.82 -15.77 23.62
N CYS A 10 -2.73 -14.58 23.05
CA CYS A 10 -2.55 -14.40 21.62
C CYS A 10 -1.17 -13.79 21.29
N VAL A 11 -0.50 -14.36 20.31
CA VAL A 11 0.82 -13.87 19.90
C VAL A 11 0.77 -13.48 18.42
N VAL A 12 1.12 -12.23 18.12
CA VAL A 12 1.09 -11.70 16.76
C VAL A 12 2.49 -11.75 16.13
N GLY A 13 2.75 -12.80 15.35
CA GLY A 13 4.04 -12.95 14.71
C GLY A 13 4.59 -14.33 15.07
N SER A 14 5.05 -15.09 14.08
CA SER A 14 5.57 -16.43 14.36
C SER A 14 7.07 -16.58 14.20
N GLY A 15 7.82 -15.51 14.46
CA GLY A 15 9.26 -15.58 14.36
C GLY A 15 9.80 -15.99 15.72
N PRO A 16 11.12 -15.85 15.98
CA PRO A 16 11.72 -16.23 17.26
C PRO A 16 11.07 -15.61 18.50
N ALA A 17 10.73 -14.32 18.43
CA ALA A 17 10.10 -13.65 19.57
C ALA A 17 8.73 -14.22 19.91
N GLY A 18 7.94 -14.54 18.88
CA GLY A 18 6.63 -15.09 19.12
C GLY A 18 6.67 -16.52 19.65
N PHE A 19 7.54 -17.34 19.08
CA PHE A 19 7.66 -18.73 19.51
C PHE A 19 8.33 -18.89 20.86
N TYR A 20 9.20 -17.95 21.21
CA TYR A 20 9.87 -18.02 22.50
C TYR A 20 8.96 -17.49 23.60
N THR A 21 8.10 -16.53 23.28
CA THR A 21 7.17 -15.99 24.25
C THR A 21 6.15 -17.09 24.56
N ALA A 22 5.70 -17.77 23.51
CA ALA A 22 4.73 -18.85 23.66
C ALA A 22 5.36 -20.02 24.40
N GLN A 23 6.62 -20.30 24.11
CA GLN A 23 7.35 -21.38 24.75
C GLN A 23 7.39 -21.13 26.26
N HIS A 24 7.69 -19.90 26.64
CA HIS A 24 7.77 -19.50 28.05
C HIS A 24 6.42 -19.61 28.74
N LEU A 25 5.38 -19.15 28.07
CA LEU A 25 4.03 -19.19 28.63
C LEU A 25 3.56 -20.62 28.86
N LEU A 26 3.81 -21.50 27.90
CA LEU A 26 3.39 -22.88 28.03
C LEU A 26 4.17 -23.61 29.13
N LYS A 27 5.46 -23.32 29.21
CA LYS A 27 6.31 -23.95 30.22
C LYS A 27 6.01 -23.49 31.64
N HIS A 28 5.72 -22.21 31.82
CA HIS A 28 5.47 -21.69 33.16
C HIS A 28 4.03 -21.51 33.61
N HIS A 29 3.11 -22.12 32.88
CA HIS A 29 1.69 -22.11 33.22
C HIS A 29 1.09 -23.31 32.53
N SER A 30 0.69 -24.30 33.32
CA SER A 30 0.14 -25.55 32.82
C SER A 30 -1.20 -25.52 32.08
N ARG A 31 -1.98 -24.45 32.22
CA ARG A 31 -3.27 -24.38 31.54
C ARG A 31 -3.38 -23.29 30.48
N ALA A 32 -2.36 -22.45 30.38
CA ALA A 32 -2.38 -21.37 29.39
C ALA A 32 -2.33 -21.89 27.97
N HIS A 33 -3.14 -21.29 27.11
CA HIS A 33 -3.20 -21.64 25.69
C HIS A 33 -2.62 -20.48 24.90
N VAL A 34 -1.82 -20.80 23.88
CA VAL A 34 -1.22 -19.76 23.05
C VAL A 34 -1.53 -19.97 21.57
N ASP A 35 -2.17 -18.96 20.95
CA ASP A 35 -2.50 -19.00 19.52
C ASP A 35 -1.54 -18.04 18.82
N ILE A 36 -0.75 -18.57 17.88
CA ILE A 36 0.22 -17.77 17.14
C ILE A 36 -0.30 -17.36 15.77
N TYR A 37 -0.43 -16.05 15.56
CA TYR A 37 -0.90 -15.52 14.28
C TYR A 37 0.29 -15.11 13.42
N GLU A 38 0.17 -15.32 12.11
CA GLU A 38 1.24 -14.99 11.17
C GLU A 38 0.67 -14.58 9.81
N LYS A 39 1.12 -13.44 9.28
CA LYS A 39 0.62 -13.02 7.97
C LYS A 39 1.16 -13.85 6.82
N GLN A 40 2.36 -14.41 6.99
CA GLN A 40 2.96 -15.26 5.96
C GLN A 40 2.22 -16.60 6.01
N LEU A 41 2.35 -17.40 4.97
CA LEU A 41 1.68 -18.69 4.94
C LEU A 41 2.40 -19.70 5.83
N VAL A 42 3.69 -19.45 6.09
CA VAL A 42 4.52 -20.33 6.91
C VAL A 42 5.11 -19.61 8.13
N PRO A 43 5.52 -20.37 9.17
CA PRO A 43 6.10 -19.79 10.40
C PRO A 43 7.62 -19.63 10.42
N PHE A 44 8.12 -19.21 11.59
CA PHE A 44 9.54 -19.01 11.88
C PHE A 44 10.18 -17.67 11.50
N GLY A 45 9.44 -16.84 10.77
CA GLY A 45 9.95 -15.53 10.40
C GLY A 45 11.34 -15.45 9.79
N LEU A 46 12.21 -14.67 10.42
CA LEU A 46 13.56 -14.49 9.92
C LEU A 46 14.51 -15.66 10.07
N VAL A 47 14.12 -16.70 10.81
CA VAL A 47 14.99 -17.86 10.95
C VAL A 47 14.95 -18.56 9.59
N ARG A 48 13.85 -18.38 8.88
CA ARG A 48 13.68 -18.99 7.57
C ARG A 48 14.06 -18.01 6.47
N PHE A 49 13.55 -16.78 6.58
CA PHE A 49 13.79 -15.76 5.57
C PHE A 49 15.02 -14.86 5.75
N GLY A 50 15.59 -14.85 6.96
CA GLY A 50 16.74 -14.00 7.21
C GLY A 50 18.07 -14.71 7.31
N VAL A 51 18.18 -15.64 8.25
CA VAL A 51 19.42 -16.39 8.44
C VAL A 51 19.90 -16.96 7.10
N ALA A 52 21.16 -16.69 6.76
CA ALA A 52 21.74 -17.16 5.51
C ALA A 52 21.67 -18.68 5.33
N PRO A 53 21.54 -19.16 4.07
CA PRO A 53 21.46 -20.58 3.79
C PRO A 53 22.75 -21.36 4.09
N ASP A 54 23.85 -20.62 4.26
CA ASP A 54 25.13 -21.23 4.57
C ASP A 54 25.37 -21.15 6.07
N HIS A 55 24.27 -20.92 6.79
CA HIS A 55 24.27 -20.83 8.25
C HIS A 55 23.17 -21.75 8.77
N PRO A 56 23.09 -22.98 8.23
CA PRO A 56 22.06 -23.95 8.64
C PRO A 56 22.01 -24.26 10.13
N GLU A 57 23.18 -24.28 10.77
CA GLU A 57 23.27 -24.57 12.21
C GLU A 57 22.37 -23.64 13.03
N VAL A 58 22.26 -22.40 12.60
CA VAL A 58 21.44 -21.43 13.31
C VAL A 58 19.94 -21.73 13.14
N LYS A 59 19.58 -22.30 11.99
CA LYS A 59 18.19 -22.63 11.70
C LYS A 59 17.72 -23.84 12.51
N ASN A 60 18.56 -24.31 13.44
CA ASN A 60 18.20 -25.45 14.27
C ASN A 60 17.18 -25.10 15.36
N VAL A 61 17.05 -23.81 15.68
CA VAL A 61 16.09 -23.38 16.68
C VAL A 61 14.69 -23.70 16.17
N ILE A 62 14.60 -24.02 14.88
CA ILE A 62 13.30 -24.36 14.30
C ILE A 62 12.77 -25.65 14.91
N ASN A 63 13.68 -26.54 15.31
CA ASN A 63 13.26 -27.79 15.92
C ASN A 63 12.56 -27.55 17.25
N THR A 64 13.03 -26.55 17.99
CA THR A 64 12.40 -26.25 19.27
C THR A 64 11.06 -25.54 19.08
N PHE A 65 10.93 -24.72 18.04
CA PHE A 65 9.67 -24.03 17.78
C PHE A 65 8.64 -25.06 17.34
N THR A 66 9.07 -26.00 16.51
CA THR A 66 8.20 -27.04 16.00
C THR A 66 7.64 -27.84 17.18
N GLN A 67 8.49 -28.07 18.18
CA GLN A 67 8.08 -28.82 19.38
C GLN A 67 7.01 -28.04 20.13
N THR A 68 7.20 -26.73 20.23
CA THR A 68 6.25 -25.86 20.92
C THR A 68 4.92 -25.84 20.18
N ALA A 69 4.98 -25.64 18.87
CA ALA A 69 3.80 -25.57 18.02
C ALA A 69 2.99 -26.86 18.09
N ARG A 70 3.68 -27.97 18.30
CA ARG A 70 3.04 -29.27 18.39
C ARG A 70 2.33 -29.48 19.71
N SER A 71 2.64 -28.66 20.71
CA SER A 71 1.99 -28.76 22.01
C SER A 71 0.48 -28.61 21.83
N ASP A 72 -0.30 -29.34 22.64
CA ASP A 72 -1.75 -29.27 22.53
C ASP A 72 -2.30 -27.92 22.91
N ARG A 73 -1.52 -27.16 23.66
CA ARG A 73 -1.96 -25.84 24.11
C ARG A 73 -1.44 -24.69 23.22
N CYS A 74 -1.04 -25.03 22.00
CA CYS A 74 -0.54 -24.04 21.07
C CYS A 74 -1.22 -24.27 19.74
N ALA A 75 -1.46 -23.19 19.00
CA ALA A 75 -2.10 -23.27 17.70
C ALA A 75 -1.47 -22.22 16.80
N PHE A 76 -1.44 -22.52 15.51
CA PHE A 76 -0.86 -21.62 14.53
C PHE A 76 -1.94 -21.15 13.57
N TYR A 77 -1.83 -19.90 13.15
CA TYR A 77 -2.79 -19.30 12.23
C TYR A 77 -2.07 -18.43 11.21
N GLY A 78 -1.53 -19.06 10.17
CA GLY A 78 -0.83 -18.31 9.14
C GLY A 78 -1.85 -17.70 8.21
N ASN A 79 -1.39 -16.89 7.27
CA ASN A 79 -2.29 -16.24 6.31
C ASN A 79 -3.33 -15.36 7.02
N VAL A 80 -2.93 -14.78 8.15
CA VAL A 80 -3.80 -13.90 8.93
C VAL A 80 -2.96 -12.67 9.25
N GLU A 81 -3.29 -11.55 8.61
CA GLU A 81 -2.54 -10.32 8.84
C GLU A 81 -3.22 -9.40 9.85
N VAL A 82 -2.79 -9.52 11.10
CA VAL A 82 -3.36 -8.73 12.18
C VAL A 82 -3.34 -7.24 11.82
N GLY A 83 -4.43 -6.55 12.17
CA GLY A 83 -4.54 -5.15 11.86
C GLY A 83 -5.29 -4.99 10.55
N ARG A 84 -5.37 -6.07 9.78
CA ARG A 84 -6.04 -6.08 8.49
C ARG A 84 -7.20 -7.07 8.46
N ASP A 85 -6.89 -8.36 8.57
CA ASP A 85 -7.91 -9.40 8.57
C ASP A 85 -8.60 -9.44 9.92
N VAL A 86 -7.84 -9.11 10.95
CA VAL A 86 -8.35 -9.08 12.31
C VAL A 86 -7.63 -7.93 13.00
N THR A 87 -8.38 -7.10 13.73
CA THR A 87 -7.78 -5.95 14.41
C THR A 87 -7.25 -6.34 15.79
N VAL A 88 -6.36 -5.52 16.33
CA VAL A 88 -5.80 -5.77 17.65
C VAL A 88 -6.91 -5.67 18.69
N GLN A 89 -7.81 -4.71 18.53
CA GLN A 89 -8.92 -4.53 19.45
C GLN A 89 -9.76 -5.81 19.50
N GLU A 90 -9.96 -6.43 18.34
CA GLU A 90 -10.76 -7.65 18.26
C GLU A 90 -10.03 -8.82 18.93
N LEU A 91 -8.71 -8.81 18.88
CA LEU A 91 -7.95 -9.87 19.53
C LEU A 91 -7.99 -9.64 21.04
N GLN A 92 -8.01 -8.38 21.44
CA GLN A 92 -8.05 -8.05 22.86
C GLN A 92 -9.38 -8.46 23.49
N ASP A 93 -10.43 -8.52 22.68
CA ASP A 93 -11.74 -8.93 23.17
C ASP A 93 -11.80 -10.45 23.31
N ALA A 94 -11.08 -11.14 22.45
CA ALA A 94 -11.05 -12.60 22.43
C ALA A 94 -10.11 -13.24 23.42
N TYR A 95 -8.97 -12.58 23.68
CA TYR A 95 -7.97 -13.13 24.59
C TYR A 95 -7.79 -12.37 25.90
N HIS A 96 -7.08 -13.02 26.83
CA HIS A 96 -6.78 -12.43 28.13
C HIS A 96 -5.62 -11.46 27.92
N ALA A 97 -4.67 -11.88 27.10
CA ALA A 97 -3.50 -11.06 26.80
C ALA A 97 -3.11 -11.19 25.33
N VAL A 98 -2.60 -10.10 24.76
CA VAL A 98 -2.16 -10.08 23.36
C VAL A 98 -0.71 -9.62 23.32
N VAL A 99 0.14 -10.41 22.68
CA VAL A 99 1.56 -10.07 22.59
C VAL A 99 1.97 -9.77 21.15
N LEU A 100 2.47 -8.57 20.91
CA LEU A 100 2.91 -8.17 19.58
C LEU A 100 4.36 -8.58 19.40
N SER A 101 4.62 -9.41 18.39
CA SER A 101 5.96 -9.90 18.11
C SER A 101 6.21 -9.94 16.60
N TYR A 102 5.69 -8.95 15.90
CA TYR A 102 5.79 -8.91 14.44
C TYR A 102 7.06 -8.31 13.83
N GLY A 103 8.15 -8.36 14.58
CA GLY A 103 9.42 -7.85 14.10
C GLY A 103 9.46 -6.45 13.55
N ALA A 104 10.52 -6.15 12.79
CA ALA A 104 10.72 -4.83 12.18
C ALA A 104 10.81 -5.04 10.68
N GLU A 105 9.68 -4.83 9.98
CA GLU A 105 9.60 -5.03 8.54
C GLU A 105 10.17 -3.91 7.66
N ASP A 106 9.85 -2.66 7.97
CA ASP A 106 10.32 -1.52 7.18
C ASP A 106 11.83 -1.40 7.08
N HIS A 107 12.29 -0.97 5.91
CA HIS A 107 13.71 -0.80 5.64
C HIS A 107 14.12 0.67 5.67
N GLN A 108 15.25 0.95 6.31
CA GLN A 108 15.78 2.30 6.42
C GLN A 108 16.19 2.86 5.05
N ALA A 109 15.38 3.76 4.50
CA ALA A 109 15.68 4.37 3.21
C ALA A 109 16.92 5.25 3.30
N LEU A 110 17.70 5.31 2.21
CA LEU A 110 18.90 6.11 2.18
C LEU A 110 18.54 7.58 2.13
N ASP A 111 17.43 7.87 1.44
CA ASP A 111 16.95 9.23 1.29
C ASP A 111 18.04 10.11 0.69
N ILE A 112 18.47 9.77 -0.51
CA ILE A 112 19.51 10.52 -1.20
C ILE A 112 19.18 10.51 -2.68
N PRO A 113 19.69 11.50 -3.42
CA PRO A 113 19.42 11.57 -4.86
C PRO A 113 19.81 10.28 -5.59
N GLY A 114 18.90 9.78 -6.43
CA GLY A 114 19.17 8.57 -7.18
C GLY A 114 19.10 7.25 -6.45
N GLU A 115 18.44 7.22 -5.29
CA GLU A 115 18.33 6.00 -4.52
C GLU A 115 17.32 5.05 -5.13
N GLU A 116 16.65 5.49 -6.20
CA GLU A 116 15.66 4.67 -6.87
C GLU A 116 16.19 4.12 -8.19
N LEU A 117 17.45 4.44 -8.51
CA LEU A 117 18.05 3.95 -9.74
C LEU A 117 18.15 2.42 -9.71
N PRO A 118 17.89 1.77 -10.85
CA PRO A 118 17.99 0.31 -10.89
C PRO A 118 19.37 -0.13 -10.42
N GLY A 119 19.42 -1.17 -9.60
CA GLY A 119 20.69 -1.66 -9.07
C GLY A 119 20.83 -1.30 -7.60
N VAL A 120 19.90 -0.49 -7.11
CA VAL A 120 19.91 -0.09 -5.71
C VAL A 120 18.82 -0.92 -5.07
N PHE A 121 19.20 -1.71 -4.08
CA PHE A 121 18.26 -2.57 -3.38
C PHE A 121 18.51 -2.47 -1.89
N SER A 122 17.54 -2.97 -1.13
CA SER A 122 17.64 -3.01 0.32
C SER A 122 18.44 -4.31 0.52
N ALA A 123 19.43 -4.28 1.41
CA ALA A 123 20.22 -5.49 1.64
C ALA A 123 19.29 -6.63 2.05
N ARG A 124 18.21 -6.31 2.76
CA ARG A 124 17.27 -7.32 3.21
C ARG A 124 16.35 -7.83 2.13
N ALA A 125 16.28 -7.09 1.03
CA ALA A 125 15.44 -7.52 -0.09
C ALA A 125 16.27 -8.56 -0.85
N PHE A 126 17.58 -8.34 -0.88
CA PHE A 126 18.51 -9.24 -1.54
C PHE A 126 18.52 -10.56 -0.77
N VAL A 127 18.45 -10.46 0.55
CA VAL A 127 18.44 -11.61 1.44
C VAL A 127 17.15 -12.41 1.26
N GLY A 128 16.02 -11.72 1.26
CA GLY A 128 14.75 -12.39 1.08
C GLY A 128 14.71 -13.05 -0.30
N TRP A 129 15.47 -12.47 -1.22
CA TRP A 129 15.55 -13.00 -2.58
C TRP A 129 16.09 -14.43 -2.59
N TYR A 130 17.29 -14.61 -2.04
CA TYR A 130 17.87 -15.94 -2.02
C TYR A 130 17.34 -16.84 -0.90
N ASN A 131 16.62 -16.26 0.06
CA ASN A 131 16.05 -17.04 1.15
C ASN A 131 14.60 -17.44 0.90
N GLY A 132 14.11 -17.14 -0.30
CA GLY A 132 12.76 -17.51 -0.66
C GLY A 132 11.57 -16.73 -0.16
N LEU A 133 11.76 -15.50 0.34
CA LEU A 133 10.60 -14.74 0.78
C LEU A 133 9.83 -14.48 -0.52
N PRO A 134 8.55 -14.87 -0.58
CA PRO A 134 7.76 -14.67 -1.79
C PRO A 134 7.83 -13.28 -2.43
N GLU A 135 7.68 -12.24 -1.63
CA GLU A 135 7.70 -10.88 -2.17
C GLU A 135 9.00 -10.50 -2.88
N ASN A 136 10.07 -11.26 -2.63
CA ASN A 136 11.36 -10.97 -3.25
C ASN A 136 11.78 -11.96 -4.35
N ARG A 137 10.92 -12.91 -4.70
CA ARG A 137 11.31 -13.89 -5.71
C ARG A 137 11.55 -13.36 -7.12
N GLU A 138 11.09 -12.16 -7.42
CA GLU A 138 11.33 -11.60 -8.75
C GLU A 138 12.29 -10.42 -8.70
N LEU A 139 13.11 -10.38 -7.65
CA LEU A 139 14.07 -9.30 -7.50
C LEU A 139 15.02 -9.28 -8.70
N ALA A 140 15.44 -10.46 -9.14
CA ALA A 140 16.34 -10.61 -10.27
C ALA A 140 17.39 -9.51 -10.36
N PRO A 141 18.26 -9.40 -9.35
CA PRO A 141 19.30 -8.36 -9.36
C PRO A 141 20.29 -8.59 -10.50
N ASP A 142 20.80 -7.49 -11.07
CA ASP A 142 21.76 -7.59 -12.15
C ASP A 142 23.17 -7.72 -11.58
N LEU A 143 23.70 -8.93 -11.63
CA LEU A 143 25.02 -9.22 -11.09
C LEU A 143 26.11 -9.24 -12.16
N SER A 144 25.87 -8.55 -13.27
CA SER A 144 26.82 -8.51 -14.37
C SER A 144 27.95 -7.51 -14.19
N CYS A 145 27.84 -6.65 -13.19
CA CYS A 145 28.86 -5.64 -12.92
C CYS A 145 29.91 -6.22 -11.94
N ASP A 146 31.14 -5.69 -11.98
CA ASP A 146 32.22 -6.17 -11.13
C ASP A 146 32.20 -5.75 -9.65
N THR A 147 31.83 -4.51 -9.39
CA THR A 147 31.81 -4.04 -8.00
C THR A 147 30.41 -3.89 -7.42
N ALA A 148 30.31 -4.18 -6.12
CA ALA A 148 29.06 -4.06 -5.38
C ALA A 148 29.42 -3.32 -4.09
N VAL A 149 28.62 -2.32 -3.74
CA VAL A 149 28.86 -1.55 -2.52
C VAL A 149 27.75 -1.78 -1.50
N ILE A 150 28.16 -2.09 -0.28
CA ILE A 150 27.21 -2.31 0.80
C ILE A 150 27.35 -1.19 1.82
N LEU A 151 26.25 -0.47 2.06
CA LEU A 151 26.24 0.63 3.01
C LEU A 151 25.82 0.13 4.39
N GLY A 152 26.73 0.27 5.35
CA GLY A 152 26.46 -0.18 6.70
C GLY A 152 27.35 -1.37 6.98
N GLN A 153 27.88 -1.48 8.20
CA GLN A 153 28.75 -2.60 8.53
C GLN A 153 28.24 -3.51 9.64
N GLY A 154 27.07 -4.10 9.41
CA GLY A 154 26.50 -5.01 10.38
C GLY A 154 26.64 -6.43 9.85
N ASN A 155 26.12 -7.41 10.58
CA ASN A 155 26.22 -8.80 10.16
C ASN A 155 25.47 -9.04 8.85
N VAL A 156 24.34 -8.35 8.67
CA VAL A 156 23.56 -8.50 7.45
C VAL A 156 24.42 -8.11 6.25
N ALA A 157 25.28 -7.10 6.43
CA ALA A 157 26.16 -6.65 5.37
C ALA A 157 27.13 -7.77 5.02
N LEU A 158 27.68 -8.41 6.06
CA LEU A 158 28.62 -9.51 5.88
C LEU A 158 27.95 -10.72 5.26
N ASP A 159 26.65 -10.87 5.51
CA ASP A 159 25.90 -11.99 4.95
C ASP A 159 25.73 -11.91 3.43
N VAL A 160 25.33 -10.75 2.93
CA VAL A 160 25.12 -10.57 1.49
C VAL A 160 26.44 -10.47 0.76
N ALA A 161 27.46 -9.98 1.45
CA ALA A 161 28.80 -9.85 0.86
C ALA A 161 29.40 -11.25 0.77
N ARG A 162 29.06 -12.08 1.75
CA ARG A 162 29.57 -13.45 1.78
C ARG A 162 28.89 -14.30 0.70
N ILE A 163 27.57 -14.14 0.57
CA ILE A 163 26.83 -14.90 -0.44
C ILE A 163 27.26 -14.47 -1.85
N LEU A 164 27.56 -13.20 -2.02
CA LEU A 164 28.00 -12.66 -3.30
C LEU A 164 29.38 -13.14 -3.74
N LEU A 165 30.25 -13.43 -2.78
CA LEU A 165 31.61 -13.87 -3.10
C LEU A 165 31.90 -15.35 -2.88
N THR A 166 30.93 -16.07 -2.31
CA THR A 166 31.13 -17.50 -2.07
C THR A 166 31.08 -18.25 -3.40
N PRO A 167 32.02 -19.18 -3.63
CA PRO A 167 31.99 -19.93 -4.89
C PRO A 167 30.63 -20.61 -5.01
N PRO A 168 29.86 -20.26 -6.06
CA PRO A 168 28.53 -20.84 -6.28
C PRO A 168 28.37 -22.30 -5.90
N ASP A 169 29.31 -23.14 -6.30
CA ASP A 169 29.23 -24.57 -6.01
C ASP A 169 29.14 -24.91 -4.53
N HIS A 170 29.73 -24.07 -3.68
CA HIS A 170 29.71 -24.33 -2.25
C HIS A 170 28.30 -24.11 -1.68
N LEU A 171 27.45 -23.45 -2.45
CA LEU A 171 26.08 -23.17 -2.03
C LEU A 171 25.09 -24.18 -2.63
N GLU A 172 25.59 -25.01 -3.53
CA GLU A 172 24.79 -26.02 -4.21
C GLU A 172 23.84 -26.84 -3.34
N LYS A 173 24.31 -27.30 -2.19
CA LYS A 173 23.47 -28.14 -1.36
C LYS A 173 22.88 -27.52 -0.10
N THR A 174 22.74 -26.19 -0.09
CA THR A 174 22.15 -25.47 1.03
C THR A 174 20.68 -25.29 0.60
N ASP A 175 19.82 -24.76 1.47
CA ASP A 175 18.43 -24.58 1.10
C ASP A 175 18.20 -23.29 0.33
N ILE A 176 19.29 -22.70 -0.18
CA ILE A 176 19.20 -21.48 -0.97
C ILE A 176 18.30 -21.76 -2.19
N THR A 177 17.43 -20.81 -2.53
CA THR A 177 16.55 -21.01 -3.68
C THR A 177 17.36 -21.35 -4.93
N GLU A 178 16.87 -22.29 -5.71
CA GLU A 178 17.54 -22.70 -6.94
C GLU A 178 17.62 -21.52 -7.90
N ALA A 179 16.62 -20.65 -7.81
CA ALA A 179 16.53 -19.46 -8.65
C ALA A 179 17.71 -18.54 -8.39
N ALA A 180 17.97 -18.24 -7.11
CA ALA A 180 19.06 -17.37 -6.71
C ALA A 180 20.42 -18.03 -6.97
N LEU A 181 20.50 -19.34 -6.74
CA LEU A 181 21.75 -20.04 -6.99
C LEU A 181 22.10 -19.97 -8.47
N GLY A 182 21.07 -20.01 -9.31
CA GLY A 182 21.29 -19.92 -10.75
C GLY A 182 21.84 -18.56 -11.13
N ALA A 183 21.29 -17.52 -10.51
CA ALA A 183 21.73 -16.16 -10.79
C ALA A 183 23.17 -15.98 -10.30
N LEU A 184 23.45 -16.48 -9.10
CA LEU A 184 24.78 -16.38 -8.50
C LEU A 184 25.86 -17.06 -9.32
N ARG A 185 25.48 -18.07 -10.10
CA ARG A 185 26.44 -18.77 -10.94
C ARG A 185 26.87 -17.88 -12.11
N GLN A 186 25.96 -17.06 -12.61
CA GLN A 186 26.26 -16.16 -13.72
C GLN A 186 26.82 -14.80 -13.29
N SER A 187 26.88 -14.58 -11.97
CA SER A 187 27.37 -13.32 -11.43
C SER A 187 28.82 -13.01 -11.79
N ARG A 188 29.05 -11.76 -12.17
CA ARG A 188 30.39 -11.32 -12.53
C ARG A 188 30.94 -10.40 -11.43
N VAL A 189 30.26 -10.43 -10.28
CA VAL A 189 30.66 -9.64 -9.12
C VAL A 189 31.91 -10.25 -8.52
N LYS A 190 32.98 -9.47 -8.44
CA LYS A 190 34.22 -9.96 -7.88
C LYS A 190 34.79 -9.05 -6.80
N THR A 191 34.19 -7.88 -6.63
CA THR A 191 34.63 -6.92 -5.63
C THR A 191 33.45 -6.39 -4.80
N VAL A 192 33.55 -6.53 -3.48
CA VAL A 192 32.49 -6.06 -2.59
C VAL A 192 33.07 -5.13 -1.52
N TRP A 193 32.55 -3.92 -1.45
CA TRP A 193 32.99 -2.92 -0.48
C TRP A 193 31.91 -2.66 0.56
N ILE A 194 32.25 -2.80 1.83
CA ILE A 194 31.32 -2.58 2.92
C ILE A 194 31.71 -1.25 3.56
N VAL A 195 30.90 -0.22 3.28
CA VAL A 195 31.16 1.15 3.75
C VAL A 195 30.34 1.61 4.97
N GLY A 196 31.04 2.13 5.99
CA GLY A 196 30.38 2.60 7.18
C GLY A 196 30.58 4.09 7.42
N ARG A 197 29.60 4.73 8.06
CA ARG A 197 29.66 6.16 8.36
C ARG A 197 30.73 6.48 9.38
N ARG A 198 30.93 5.57 10.33
CA ARG A 198 31.90 5.76 11.40
C ARG A 198 33.22 5.01 11.18
N GLY A 199 33.96 4.81 12.27
CA GLY A 199 35.25 4.13 12.18
C GLY A 199 35.21 2.67 12.57
N PRO A 200 36.38 2.00 12.58
CA PRO A 200 36.56 0.58 12.90
C PRO A 200 36.03 0.16 14.28
N LEU A 201 36.21 1.04 15.27
CA LEU A 201 35.76 0.79 16.62
C LEU A 201 34.24 0.73 16.74
N GLN A 202 33.55 1.09 15.65
CA GLN A 202 32.10 1.08 15.65
C GLN A 202 31.43 0.00 14.78
N VAL A 203 32.20 -0.89 14.16
CA VAL A 203 31.62 -1.93 13.32
C VAL A 203 30.56 -2.72 14.10
N ALA A 204 29.41 -2.93 13.48
CA ALA A 204 28.30 -3.63 14.11
C ALA A 204 28.27 -5.14 13.96
N PHE A 205 29.24 -5.73 13.27
CA PHE A 205 29.25 -7.17 13.11
C PHE A 205 30.00 -7.92 14.20
N THR A 206 29.71 -9.22 14.30
CA THR A 206 30.30 -10.10 15.30
C THR A 206 31.50 -10.86 14.75
N ILE A 207 32.38 -11.33 15.63
CA ILE A 207 33.58 -12.04 15.22
C ILE A 207 33.36 -13.32 14.42
N LYS A 208 32.23 -13.99 14.63
CA LYS A 208 31.98 -15.22 13.89
C LYS A 208 31.86 -14.91 12.40
N GLU A 209 30.96 -13.98 12.06
CA GLU A 209 30.74 -13.61 10.68
C GLU A 209 31.95 -12.94 10.03
N LEU A 210 32.76 -12.23 10.80
CA LEU A 210 33.94 -11.57 10.26
C LEU A 210 34.98 -12.62 9.90
N ARG A 211 35.22 -13.55 10.83
CA ARG A 211 36.17 -14.63 10.63
C ARG A 211 35.83 -15.41 9.36
N GLU A 212 34.54 -15.69 9.17
CA GLU A 212 34.07 -16.41 8.00
C GLU A 212 34.43 -15.66 6.72
N MET A 213 34.40 -14.33 6.80
CA MET A 213 34.71 -13.46 5.67
C MET A 213 36.19 -13.49 5.37
N ILE A 214 37.00 -13.41 6.41
CA ILE A 214 38.45 -13.42 6.27
C ILE A 214 38.95 -14.74 5.68
N GLN A 215 38.21 -15.82 5.95
CA GLN A 215 38.61 -17.14 5.47
C GLN A 215 37.79 -17.64 4.28
N LEU A 216 36.90 -16.81 3.75
CA LEU A 216 36.08 -17.20 2.62
C LEU A 216 36.96 -17.65 1.45
N PRO A 217 36.75 -18.89 0.97
CA PRO A 217 37.52 -19.47 -0.13
C PRO A 217 37.51 -18.63 -1.41
N GLY A 218 38.70 -18.44 -1.98
CA GLY A 218 38.82 -17.69 -3.22
C GLY A 218 38.81 -16.18 -3.08
N THR A 219 38.74 -15.67 -1.85
CA THR A 219 38.73 -14.22 -1.64
C THR A 219 39.94 -13.77 -0.85
N ARG A 220 40.16 -12.46 -0.82
CA ARG A 220 41.25 -11.84 -0.09
C ARG A 220 40.68 -10.58 0.55
N PRO A 221 41.21 -10.16 1.71
CA PRO A 221 40.69 -8.95 2.34
C PRO A 221 41.37 -7.66 1.91
N MET A 222 40.60 -6.57 1.88
CA MET A 222 41.15 -5.27 1.50
C MET A 222 40.91 -4.29 2.65
N LEU A 223 41.84 -4.28 3.60
CA LEU A 223 41.78 -3.40 4.76
C LEU A 223 42.94 -2.42 4.70
N ASP A 224 42.67 -1.15 4.97
CA ASP A 224 43.68 -0.11 4.95
C ASP A 224 44.29 0.04 6.35
N PRO A 225 45.60 -0.20 6.48
CA PRO A 225 46.29 -0.09 7.77
C PRO A 225 46.13 1.29 8.40
N ALA A 226 45.95 2.29 7.56
CA ALA A 226 45.79 3.66 8.01
C ALA A 226 44.53 3.89 8.81
N ASP A 227 43.53 3.02 8.67
CA ASP A 227 42.28 3.18 9.39
C ASP A 227 42.38 2.63 10.80
N PHE A 228 43.53 2.02 11.12
CA PHE A 228 43.74 1.45 12.44
C PHE A 228 44.93 2.08 13.15
N LEU A 229 45.26 3.31 12.76
CA LEU A 229 46.39 4.03 13.37
C LEU A 229 46.00 4.64 14.71
N GLY A 230 46.94 4.61 15.66
CA GLY A 230 46.67 5.16 16.98
C GLY A 230 45.34 4.62 17.47
N LEU A 231 45.16 3.32 17.28
CA LEU A 231 43.93 2.66 17.65
C LEU A 231 44.27 1.37 18.42
N GLN A 232 45.56 1.06 18.49
CA GLN A 232 46.03 -0.14 19.18
C GLN A 232 45.71 -0.19 20.66
N ASP A 233 46.08 0.85 21.40
CA ASP A 233 45.85 0.87 22.84
C ASP A 233 44.38 0.84 23.22
N ARG A 234 43.53 1.38 22.36
CA ARG A 234 42.09 1.40 22.62
C ARG A 234 41.50 0.01 22.43
N ILE A 235 42.16 -0.79 21.59
CA ILE A 235 41.74 -2.16 21.33
C ILE A 235 42.14 -3.06 22.50
N LYS A 236 43.35 -2.85 23.00
CA LYS A 236 43.87 -3.61 24.12
C LYS A 236 43.04 -3.38 25.39
N GLU A 237 42.30 -2.27 25.43
CA GLU A 237 41.48 -1.95 26.59
C GLU A 237 39.99 -2.25 26.43
N ALA A 238 39.57 -2.53 25.21
CA ALA A 238 38.17 -2.83 24.92
C ALA A 238 37.63 -3.96 25.79
N ALA A 239 36.30 -4.08 25.84
CA ALA A 239 35.63 -5.12 26.62
C ALA A 239 35.69 -6.45 25.88
N ARG A 240 35.62 -7.57 26.60
CA ARG A 240 35.69 -8.89 25.99
C ARG A 240 34.99 -9.07 24.65
N PRO A 241 33.69 -8.73 24.57
CA PRO A 241 32.95 -8.86 23.31
C PRO A 241 33.60 -8.09 22.16
N ARG A 242 34.10 -6.91 22.49
CA ARG A 242 34.71 -6.03 21.51
C ARG A 242 36.18 -6.35 21.20
N LYS A 243 36.96 -6.61 22.23
CA LYS A 243 38.39 -6.87 22.08
C LYS A 243 38.78 -7.88 21.01
N ARG A 244 38.35 -9.13 21.16
CA ARG A 244 38.72 -10.16 20.19
C ARG A 244 38.30 -9.80 18.77
N LEU A 245 37.16 -9.15 18.63
CA LEU A 245 36.67 -8.75 17.32
C LEU A 245 37.65 -7.76 16.70
N MET A 246 37.96 -6.71 17.45
CA MET A 246 38.87 -5.68 16.98
C MET A 246 40.28 -6.20 16.72
N GLU A 247 40.75 -7.09 17.58
CA GLU A 247 42.08 -7.66 17.41
C GLU A 247 42.16 -8.50 16.14
N LEU A 248 41.04 -9.08 15.71
CA LEU A 248 41.03 -9.88 14.50
C LEU A 248 41.11 -8.95 13.29
N LEU A 249 40.46 -7.80 13.39
CA LEU A 249 40.48 -6.80 12.31
C LEU A 249 41.84 -6.16 12.21
N LEU A 250 42.38 -5.75 13.36
CA LEU A 250 43.69 -5.10 13.42
C LEU A 250 44.74 -6.05 12.90
N ARG A 251 44.68 -7.30 13.33
CA ARG A 251 45.63 -8.31 12.91
C ARG A 251 45.57 -8.44 11.38
N THR A 252 44.37 -8.65 10.86
CA THR A 252 44.16 -8.80 9.43
C THR A 252 44.57 -7.57 8.63
N ALA A 253 44.31 -6.40 9.21
CA ALA A 253 44.61 -5.13 8.55
C ALA A 253 46.05 -4.66 8.64
N THR A 254 46.80 -5.11 9.64
CA THR A 254 48.17 -4.64 9.80
C THR A 254 49.30 -5.66 9.83
N GLU A 255 48.96 -6.94 9.99
CA GLU A 255 49.99 -7.97 10.04
C GLU A 255 50.18 -8.71 8.72
N LYS A 256 51.44 -8.84 8.30
CA LYS A 256 51.79 -9.53 7.06
C LYS A 256 51.43 -11.01 7.20
N PRO A 257 50.63 -11.53 6.27
CA PRO A 257 50.22 -12.93 6.31
C PRO A 257 51.39 -13.91 6.09
N GLY A 258 51.26 -15.11 6.64
CA GLY A 258 52.30 -16.11 6.48
C GLY A 258 52.40 -16.52 5.03
N VAL A 259 53.43 -17.29 4.69
CA VAL A 259 53.64 -17.75 3.32
C VAL A 259 52.41 -18.41 2.70
N GLU A 260 51.72 -19.22 3.50
CA GLU A 260 50.54 -19.93 3.04
C GLU A 260 49.39 -18.97 2.73
N GLU A 261 49.07 -18.11 3.69
CA GLU A 261 47.99 -17.12 3.55
C GLU A 261 48.21 -16.20 2.36
N ALA A 262 49.41 -15.64 2.25
CA ALA A 262 49.75 -14.75 1.15
C ALA A 262 49.52 -15.46 -0.19
N ALA A 263 49.99 -16.69 -0.28
CA ALA A 263 49.82 -17.48 -1.50
C ALA A 263 48.33 -17.61 -1.80
N ARG A 264 47.54 -17.79 -0.76
CA ARG A 264 46.10 -17.92 -0.91
C ARG A 264 45.52 -16.64 -1.52
N ARG A 265 45.89 -15.51 -0.96
CA ARG A 265 45.41 -14.20 -1.42
C ARG A 265 45.89 -13.86 -2.82
N ALA A 266 47.14 -14.19 -3.14
CA ALA A 266 47.69 -13.91 -4.47
C ALA A 266 46.89 -14.69 -5.49
N SER A 267 46.33 -15.82 -5.05
CA SER A 267 45.54 -16.69 -5.89
C SER A 267 44.07 -16.28 -5.95
N ALA A 268 43.62 -15.55 -4.93
CA ALA A 268 42.23 -15.10 -4.86
C ALA A 268 41.79 -14.37 -6.13
N SER A 269 40.54 -14.60 -6.53
CA SER A 269 39.98 -13.96 -7.72
C SER A 269 38.89 -12.96 -7.36
N ARG A 270 38.47 -12.96 -6.09
CA ARG A 270 37.44 -12.05 -5.60
C ARG A 270 37.95 -11.34 -4.34
N ALA A 271 37.37 -10.19 -4.03
CA ALA A 271 37.81 -9.45 -2.85
C ALA A 271 36.73 -8.64 -2.14
N TRP A 272 36.86 -8.55 -0.82
CA TRP A 272 35.92 -7.79 -0.01
C TRP A 272 36.75 -6.81 0.80
N GLY A 273 36.18 -5.64 1.06
CA GLY A 273 36.90 -4.64 1.81
C GLY A 273 36.01 -3.84 2.73
N LEU A 274 36.65 -3.04 3.58
CA LEU A 274 35.95 -2.20 4.54
C LEU A 274 36.34 -0.74 4.36
N ARG A 275 35.34 0.13 4.21
CA ARG A 275 35.56 1.56 4.07
C ARG A 275 35.01 2.25 5.30
N PHE A 276 35.73 3.24 5.80
CA PHE A 276 35.29 3.94 7.00
C PHE A 276 35.12 5.44 6.79
N PHE A 277 34.29 6.04 7.64
CA PHE A 277 34.01 7.48 7.59
C PHE A 277 33.47 7.96 6.26
N ARG A 278 32.44 7.28 5.77
CA ARG A 278 31.81 7.61 4.50
C ARG A 278 30.29 7.38 4.56
N SER A 279 29.53 8.43 4.31
CA SER A 279 28.07 8.33 4.31
C SER A 279 27.57 8.51 2.87
N PRO A 280 26.59 7.70 2.45
CA PRO A 280 26.07 7.82 1.09
C PRO A 280 25.44 9.17 0.82
N GLN A 281 25.98 9.90 -0.15
CA GLN A 281 25.45 11.21 -0.48
C GLN A 281 24.51 11.15 -1.67
N GLN A 282 24.84 10.30 -2.63
CA GLN A 282 24.03 10.16 -3.82
C GLN A 282 24.46 8.99 -4.67
N VAL A 283 23.51 8.36 -5.34
CA VAL A 283 23.83 7.24 -6.23
C VAL A 283 24.05 7.84 -7.60
N LEU A 284 25.25 7.64 -8.14
CA LEU A 284 25.63 8.17 -9.44
C LEU A 284 25.12 7.29 -10.59
N PRO A 285 24.40 7.90 -11.55
CA PRO A 285 23.85 7.19 -12.71
C PRO A 285 24.85 6.84 -13.80
N SER A 286 24.45 5.94 -14.69
CA SER A 286 25.27 5.52 -15.82
C SER A 286 25.10 6.56 -16.93
N PRO A 287 25.90 6.47 -18.00
CA PRO A 287 25.80 7.42 -19.10
C PRO A 287 24.37 7.66 -19.61
N ASP A 288 23.63 6.58 -19.85
CA ASP A 288 22.25 6.70 -20.31
C ASP A 288 21.30 6.99 -19.15
N GLY A 289 21.87 7.18 -17.97
CA GLY A 289 21.08 7.46 -16.79
C GLY A 289 20.04 6.40 -16.45
N ARG A 290 20.17 5.22 -17.05
CA ARG A 290 19.21 4.15 -16.84
C ARG A 290 19.47 3.26 -15.62
N ARG A 291 20.71 3.27 -15.13
CA ARG A 291 21.05 2.44 -13.97
C ARG A 291 22.07 3.12 -13.09
N ALA A 292 22.40 2.47 -11.97
CA ALA A 292 23.38 3.01 -11.05
C ALA A 292 24.76 2.59 -11.55
N ALA A 293 25.72 3.52 -11.57
CA ALA A 293 27.07 3.22 -12.02
C ALA A 293 28.12 3.47 -10.93
N GLY A 294 27.66 4.03 -9.80
CA GLY A 294 28.56 4.31 -8.71
C GLY A 294 27.84 5.08 -7.60
N ILE A 295 28.54 5.35 -6.51
CA ILE A 295 27.93 6.08 -5.41
C ILE A 295 28.86 7.16 -4.87
N ARG A 296 28.30 8.34 -4.63
CA ARG A 296 29.04 9.46 -4.10
C ARG A 296 29.02 9.41 -2.58
N LEU A 297 30.19 9.21 -1.99
CA LEU A 297 30.32 9.14 -0.54
C LEU A 297 30.91 10.43 0.01
N ALA A 298 30.28 10.96 1.05
CA ALA A 298 30.76 12.18 1.68
C ALA A 298 31.69 11.79 2.83
N VAL A 299 32.89 12.36 2.84
CA VAL A 299 33.84 12.08 3.92
C VAL A 299 33.21 12.66 5.19
N THR A 300 33.21 11.90 6.27
CA THR A 300 32.61 12.39 7.51
C THR A 300 33.57 12.45 8.69
N ARG A 301 33.11 13.15 9.73
CA ARG A 301 33.86 13.31 10.97
C ARG A 301 32.96 13.02 12.16
N LEU A 302 33.56 12.46 13.20
CA LEU A 302 32.88 12.08 14.44
C LEU A 302 32.09 13.19 15.14
N GLU A 303 32.27 14.43 14.67
CA GLU A 303 31.60 15.61 15.22
C GLU A 303 30.25 15.38 15.93
N GLY A 304 29.96 16.21 16.92
CA GLY A 304 28.73 16.09 17.67
C GLY A 304 28.68 14.77 18.41
N ILE A 305 29.39 14.71 19.54
CA ILE A 305 29.44 13.48 20.34
C ILE A 305 28.53 13.52 21.56
N GLY A 306 28.41 12.38 22.23
CA GLY A 306 27.54 12.28 23.40
C GLY A 306 26.54 11.17 23.18
N GLU A 307 25.27 11.42 23.52
CA GLU A 307 24.23 10.43 23.31
C GLU A 307 23.86 10.44 21.84
N ALA A 308 23.47 11.62 21.36
CA ALA A 308 23.09 11.81 19.97
C ALA A 308 24.34 12.04 19.12
N THR A 309 25.27 11.08 19.16
CA THR A 309 26.49 11.17 18.38
C THR A 309 26.19 10.75 16.95
N ARG A 310 26.85 11.42 16.00
CA ARG A 310 26.65 11.12 14.58
C ARG A 310 27.79 11.63 13.73
N ALA A 311 27.98 11.00 12.57
CA ALA A 311 29.02 11.41 11.66
C ALA A 311 28.42 12.46 10.74
N VAL A 312 29.19 13.51 10.45
CA VAL A 312 28.70 14.59 9.58
C VAL A 312 29.67 14.88 8.44
N PRO A 313 29.15 14.97 7.21
CA PRO A 313 29.97 15.26 6.02
C PRO A 313 30.88 16.48 6.17
N THR A 314 32.14 16.33 5.78
CA THR A 314 33.12 17.41 5.86
C THR A 314 33.01 18.35 4.67
N GLY A 315 32.44 17.84 3.58
CA GLY A 315 32.30 18.65 2.39
C GLY A 315 33.06 17.98 1.25
N ASP A 316 33.98 17.11 1.60
CA ASP A 316 34.77 16.38 0.62
C ASP A 316 34.06 15.09 0.27
N VAL A 317 34.02 14.74 -1.00
CA VAL A 317 33.35 13.52 -1.43
C VAL A 317 34.30 12.58 -2.14
N GLU A 318 33.80 11.38 -2.43
CA GLU A 318 34.57 10.36 -3.12
C GLU A 318 33.59 9.53 -3.93
N ASP A 319 33.78 9.47 -5.25
CA ASP A 319 32.88 8.70 -6.10
C ASP A 319 33.44 7.29 -6.26
N LEU A 320 32.62 6.31 -5.89
CA LEU A 320 33.00 4.91 -5.95
C LEU A 320 32.29 4.16 -7.08
N PRO A 321 33.05 3.61 -8.05
CA PRO A 321 32.39 2.88 -9.14
C PRO A 321 31.77 1.59 -8.57
N CYS A 322 30.55 1.28 -8.99
CA CYS A 322 29.86 0.06 -8.53
C CYS A 322 28.56 -0.11 -9.30
N GLY A 323 28.20 -1.35 -9.61
CA GLY A 323 26.98 -1.60 -10.36
C GLY A 323 25.84 -2.10 -9.50
N LEU A 324 26.13 -2.38 -8.24
CA LEU A 324 25.12 -2.86 -7.30
C LEU A 324 25.33 -2.15 -5.97
N VAL A 325 24.26 -1.54 -5.46
CA VAL A 325 24.35 -0.83 -4.18
C VAL A 325 23.32 -1.41 -3.24
N LEU A 326 23.79 -1.97 -2.13
CA LEU A 326 22.91 -2.56 -1.14
C LEU A 326 22.91 -1.75 0.16
N SER A 327 21.71 -1.34 0.57
CA SER A 327 21.55 -0.57 1.79
C SER A 327 21.21 -1.47 2.96
N SER A 328 22.13 -1.58 3.92
CA SER A 328 21.89 -2.41 5.10
C SER A 328 22.08 -1.56 6.35
N ILE A 329 21.35 -0.46 6.42
CA ILE A 329 21.43 0.45 7.54
C ILE A 329 20.31 0.28 8.57
N GLY A 330 20.14 -0.96 9.04
CA GLY A 330 19.11 -1.22 10.03
C GLY A 330 17.71 -1.13 9.43
N TYR A 331 16.70 -1.23 10.28
CA TYR A 331 15.31 -1.18 9.85
C TYR A 331 14.50 -0.53 10.95
N LYS A 332 13.18 -0.64 10.84
CA LYS A 332 12.28 -0.10 11.84
C LYS A 332 10.98 -0.87 11.74
N SER A 333 10.29 -1.02 12.86
CA SER A 333 9.01 -1.71 12.84
C SER A 333 8.05 -0.70 12.23
N ARG A 334 6.82 -1.13 12.00
CA ARG A 334 5.82 -0.22 11.46
C ARG A 334 4.55 -0.45 12.24
N PRO A 335 3.71 0.59 12.35
CA PRO A 335 2.46 0.41 13.09
C PRO A 335 1.54 -0.45 12.22
N ILE A 336 0.78 -1.35 12.83
CA ILE A 336 -0.11 -2.20 12.05
C ILE A 336 -1.57 -1.97 12.43
N ASP A 337 -1.80 -1.28 13.53
CA ASP A 337 -3.15 -1.03 14.00
C ASP A 337 -3.21 0.33 14.73
N PRO A 338 -4.19 1.19 14.36
CA PRO A 338 -4.35 2.51 14.99
C PRO A 338 -4.68 2.44 16.49
N SER A 339 -4.95 1.23 16.96
CA SER A 339 -5.29 0.96 18.35
C SER A 339 -4.02 0.84 19.20
N VAL A 340 -2.90 0.57 18.54
CA VAL A 340 -1.61 0.41 19.20
C VAL A 340 -0.74 1.66 19.03
N PRO A 341 -0.11 2.13 20.12
CA PRO A 341 0.76 3.32 20.08
C PRO A 341 2.03 3.02 19.31
N PHE A 342 2.69 4.05 18.79
CA PHE A 342 3.91 3.84 18.02
C PHE A 342 4.91 4.98 18.18
N ASP A 343 6.18 4.63 18.31
CA ASP A 343 7.26 5.61 18.44
C ASP A 343 7.96 5.62 17.09
N PRO A 344 7.59 6.58 16.21
CA PRO A 344 8.18 6.71 14.88
C PRO A 344 9.67 7.00 14.89
N LYS A 345 10.14 7.65 15.95
CA LYS A 345 11.55 8.00 16.06
C LYS A 345 12.42 6.77 16.32
N LEU A 346 12.03 5.96 17.30
CA LEU A 346 12.78 4.75 17.61
C LEU A 346 12.32 3.57 16.76
N GLY A 347 11.16 3.72 16.12
CA GLY A 347 10.63 2.66 15.28
C GLY A 347 10.19 1.41 16.04
N VAL A 348 9.55 1.60 17.18
CA VAL A 348 9.09 0.48 17.99
C VAL A 348 7.77 0.83 18.65
N VAL A 349 7.14 -0.18 19.25
CA VAL A 349 5.90 0.00 19.96
C VAL A 349 6.27 0.38 21.39
N PRO A 350 5.98 1.63 21.81
CA PRO A 350 6.29 2.11 23.15
C PRO A 350 5.91 1.08 24.20
N ASN A 351 6.88 0.73 25.06
CA ASN A 351 6.62 -0.27 26.08
C ASN A 351 7.53 -0.12 27.30
N MET A 352 7.06 -0.64 28.42
CA MET A 352 7.81 -0.62 29.67
C MET A 352 8.16 -2.07 29.97
N GLU A 353 9.32 -2.50 29.50
CA GLU A 353 9.79 -3.87 29.73
C GLU A 353 8.77 -4.91 29.23
N GLY A 354 8.11 -4.64 28.11
CA GLY A 354 7.15 -5.60 27.59
C GLY A 354 5.71 -5.13 27.59
N ARG A 355 5.35 -4.30 28.56
CA ARG A 355 3.98 -3.79 28.65
C ARG A 355 3.79 -2.61 27.72
N VAL A 356 2.88 -2.74 26.77
CA VAL A 356 2.62 -1.65 25.84
C VAL A 356 2.04 -0.49 26.64
N VAL A 357 2.53 0.70 26.37
CA VAL A 357 2.10 1.91 27.06
C VAL A 357 0.61 2.22 26.96
N ASP A 358 -0.01 2.40 28.12
CA ASP A 358 -1.43 2.73 28.24
C ASP A 358 -2.44 1.76 27.63
N VAL A 359 -2.02 0.52 27.38
CA VAL A 359 -2.94 -0.46 26.83
C VAL A 359 -2.86 -1.72 27.68
N PRO A 360 -3.78 -1.86 28.65
CA PRO A 360 -3.80 -3.02 29.54
C PRO A 360 -4.01 -4.33 28.76
N GLY A 361 -3.27 -5.36 29.13
CA GLY A 361 -3.40 -6.64 28.47
C GLY A 361 -2.59 -6.75 27.19
N LEU A 362 -2.00 -5.65 26.75
CA LEU A 362 -1.20 -5.65 25.53
C LEU A 362 0.30 -5.64 25.86
N TYR A 363 1.02 -6.59 25.26
CA TYR A 363 2.45 -6.73 25.47
C TYR A 363 3.17 -6.83 24.13
N CYS A 364 4.50 -6.91 24.19
CA CYS A 364 5.29 -7.05 22.97
C CYS A 364 6.66 -7.63 23.28
N SER A 365 7.28 -8.22 22.27
CA SER A 365 8.60 -8.83 22.42
C SER A 365 9.32 -8.89 21.07
N GLY A 366 10.63 -9.06 21.12
CA GLY A 366 11.40 -9.13 19.90
C GLY A 366 11.80 -7.77 19.37
N TRP A 367 12.04 -7.70 18.08
CA TRP A 367 12.46 -6.47 17.42
C TRP A 367 11.44 -5.32 17.48
N VAL A 368 10.16 -5.66 17.60
CA VAL A 368 9.13 -4.64 17.67
C VAL A 368 9.12 -3.98 19.05
N LYS A 369 9.83 -4.62 19.98
CA LYS A 369 9.92 -4.15 21.36
C LYS A 369 11.21 -3.39 21.68
N ARG A 370 12.35 -3.99 21.29
CA ARG A 370 13.67 -3.44 21.55
C ARG A 370 14.41 -2.84 20.35
N GLY A 371 13.95 -3.12 19.15
CA GLY A 371 14.64 -2.61 17.98
C GLY A 371 15.31 -3.77 17.26
N PRO A 372 15.68 -3.62 15.99
CA PRO A 372 16.33 -4.67 15.19
C PRO A 372 17.81 -4.91 15.45
N THR A 373 18.23 -4.95 16.72
CA THR A 373 19.64 -5.12 17.04
C THR A 373 20.03 -6.36 17.84
N GLY A 374 19.20 -7.40 17.82
CA GLY A 374 19.56 -8.58 18.58
C GLY A 374 19.53 -9.87 17.79
N VAL A 375 20.49 -10.76 18.04
CA VAL A 375 20.54 -12.04 17.36
C VAL A 375 19.42 -12.90 17.96
N ILE A 376 19.36 -14.17 17.60
CA ILE A 376 18.29 -15.03 18.12
C ILE A 376 18.35 -15.26 19.63
N THR A 377 19.55 -15.38 20.19
CA THR A 377 19.70 -15.60 21.64
C THR A 377 19.22 -14.39 22.43
N THR A 378 19.48 -13.20 21.89
CA THR A 378 19.07 -11.96 22.50
C THR A 378 17.55 -11.88 22.50
N THR A 379 16.96 -12.16 21.34
CA THR A 379 15.52 -12.14 21.18
C THR A 379 14.86 -13.14 22.12
N MET A 380 15.47 -14.31 22.25
CA MET A 380 14.96 -15.36 23.11
C MET A 380 14.85 -14.96 24.57
N THR A 381 15.94 -14.50 25.16
CA THR A 381 15.93 -14.12 26.57
C THR A 381 15.08 -12.87 26.81
N ASP A 382 14.89 -12.07 25.76
CA ASP A 382 14.06 -10.87 25.87
C ASP A 382 12.59 -11.30 25.86
N SER A 383 12.27 -12.25 24.99
CA SER A 383 10.92 -12.76 24.85
C SER A 383 10.46 -13.50 26.11
N PHE A 384 11.40 -14.12 26.82
CA PHE A 384 11.05 -14.84 28.06
C PHE A 384 10.66 -13.81 29.13
N LEU A 385 11.37 -12.69 29.14
CA LEU A 385 11.09 -11.62 30.11
C LEU A 385 9.68 -11.07 29.92
N THR A 386 9.24 -10.97 28.68
CA THR A 386 7.90 -10.48 28.37
C THR A 386 6.86 -11.51 28.78
N GLY A 387 7.11 -12.78 28.46
CA GLY A 387 6.18 -13.83 28.83
C GLY A 387 6.03 -13.85 30.33
N GLN A 388 7.12 -13.60 31.05
CA GLN A 388 7.10 -13.59 32.49
C GLN A 388 6.33 -12.41 33.09
N ILE A 389 6.56 -11.21 32.58
CA ILE A 389 5.84 -10.04 33.10
C ILE A 389 4.34 -10.19 32.83
N LEU A 390 4.00 -10.97 31.81
CA LEU A 390 2.60 -11.20 31.47
C LEU A 390 2.01 -12.20 32.47
N LEU A 391 2.76 -13.24 32.79
CA LEU A 391 2.31 -14.24 33.74
C LEU A 391 2.22 -13.58 35.11
N GLN A 392 3.11 -12.64 35.35
CA GLN A 392 3.14 -11.93 36.63
C GLN A 392 1.89 -11.06 36.77
N ASP A 393 1.42 -10.48 35.67
CA ASP A 393 0.21 -9.65 35.71
C ASP A 393 -1.02 -10.53 35.87
N LEU A 394 -0.93 -11.73 35.30
CA LEU A 394 -2.02 -12.69 35.37
C LEU A 394 -2.23 -13.10 36.84
N LYS A 395 -1.16 -13.54 37.50
CA LYS A 395 -1.20 -13.95 38.91
C LYS A 395 -1.75 -12.83 39.79
N ALA A 396 -1.28 -11.61 39.53
CA ALA A 396 -1.69 -10.46 40.31
C ALA A 396 -3.09 -9.98 39.98
N GLY A 397 -3.71 -10.59 38.98
CA GLY A 397 -5.07 -10.22 38.58
C GLY A 397 -5.22 -8.92 37.82
N HIS A 398 -4.22 -8.58 37.01
CA HIS A 398 -4.25 -7.35 36.24
C HIS A 398 -4.64 -7.54 34.78
N LEU A 399 -5.11 -8.74 34.45
CA LEU A 399 -5.55 -9.05 33.09
C LEU A 399 -7.05 -9.32 33.17
N PRO A 400 -7.78 -9.04 32.08
CA PRO A 400 -9.23 -9.26 32.02
C PRO A 400 -9.67 -10.52 32.76
N SER A 401 -10.70 -10.39 33.57
CA SER A 401 -11.20 -11.50 34.37
C SER A 401 -12.20 -12.42 33.65
N GLY A 402 -12.23 -13.67 34.11
CA GLY A 402 -13.16 -14.64 33.58
C GLY A 402 -12.94 -15.31 32.23
N PRO A 403 -14.06 -15.56 31.51
CA PRO A 403 -14.30 -16.19 30.20
C PRO A 403 -13.22 -16.22 29.11
N ARG A 404 -13.40 -15.39 28.09
CA ARG A 404 -12.49 -15.31 26.95
C ARG A 404 -12.61 -16.52 26.03
N PRO A 405 -13.18 -16.32 24.83
CA PRO A 405 -13.39 -17.35 23.81
C PRO A 405 -12.18 -17.66 22.94
N GLY A 406 -11.18 -16.79 22.98
CA GLY A 406 -9.99 -17.02 22.17
C GLY A 406 -10.31 -17.24 20.69
N SER A 407 -9.75 -18.29 20.12
CA SER A 407 -9.95 -18.61 18.72
C SER A 407 -11.39 -18.96 18.34
N ALA A 408 -12.20 -19.36 19.32
CA ALA A 408 -13.59 -19.70 19.01
C ALA A 408 -14.27 -18.51 18.36
N PHE A 409 -13.90 -17.32 18.83
CA PHE A 409 -14.45 -16.07 18.32
C PHE A 409 -13.74 -15.64 17.03
N ILE A 410 -12.41 -15.58 17.08
CA ILE A 410 -11.64 -15.16 15.92
C ILE A 410 -11.83 -16.08 14.72
N LYS A 411 -11.98 -17.38 14.96
CA LYS A 411 -12.21 -18.34 13.88
C LYS A 411 -13.47 -17.94 13.11
N ALA A 412 -14.57 -17.79 13.84
CA ALA A 412 -15.85 -17.43 13.26
C ALA A 412 -15.77 -16.09 12.56
N LEU A 413 -14.98 -15.18 13.13
CA LEU A 413 -14.80 -13.84 12.58
C LEU A 413 -14.05 -13.89 11.25
N LEU A 414 -12.89 -14.56 11.25
CA LEU A 414 -12.09 -14.69 10.04
C LEU A 414 -12.90 -15.41 8.97
N ASP A 415 -13.75 -16.33 9.40
CA ASP A 415 -14.58 -17.08 8.49
C ASP A 415 -15.56 -16.13 7.81
N SER A 416 -16.24 -15.32 8.62
CA SER A 416 -17.20 -14.35 8.09
C SER A 416 -16.54 -13.40 7.10
N ARG A 417 -15.25 -13.14 7.31
CA ARG A 417 -14.51 -12.23 6.44
C ARG A 417 -13.85 -12.90 5.25
N GLY A 418 -14.03 -14.22 5.12
CA GLY A 418 -13.44 -14.93 4.01
C GLY A 418 -11.94 -15.14 4.10
N VAL A 419 -11.40 -15.17 5.31
CA VAL A 419 -9.97 -15.38 5.50
C VAL A 419 -9.78 -16.83 5.99
N TRP A 420 -9.05 -17.62 5.21
CA TRP A 420 -8.79 -19.02 5.53
C TRP A 420 -7.39 -19.18 6.14
N PRO A 421 -7.31 -19.44 7.45
CA PRO A 421 -6.02 -19.61 8.15
C PRO A 421 -5.27 -20.88 7.83
N VAL A 422 -3.95 -20.83 7.97
CA VAL A 422 -3.09 -21.97 7.73
C VAL A 422 -2.66 -22.47 9.11
N SER A 423 -3.00 -23.71 9.42
CA SER A 423 -2.65 -24.31 10.70
C SER A 423 -1.21 -24.82 10.66
N PHE A 424 -0.67 -25.19 11.81
CA PHE A 424 0.69 -25.69 11.83
C PHE A 424 0.76 -27.04 11.09
N SER A 425 -0.29 -27.84 11.21
CA SER A 425 -0.31 -29.13 10.54
C SER A 425 -0.35 -28.94 9.03
N ASP A 426 -0.96 -27.85 8.57
CA ASP A 426 -1.01 -27.58 7.14
C ASP A 426 0.42 -27.26 6.71
N TRP A 427 1.12 -26.52 7.56
CA TRP A 427 2.51 -26.15 7.32
C TRP A 427 3.38 -27.39 7.18
N GLU A 428 3.08 -28.40 8.00
CA GLU A 428 3.84 -29.63 7.95
C GLU A 428 3.68 -30.38 6.63
N LYS A 429 2.56 -30.18 5.94
CA LYS A 429 2.38 -30.85 4.64
C LYS A 429 3.28 -30.12 3.66
N LEU A 430 3.31 -28.80 3.78
CA LEU A 430 4.12 -27.94 2.91
C LEU A 430 5.59 -28.26 3.17
N ASP A 431 5.95 -28.29 4.45
CA ASP A 431 7.31 -28.58 4.89
C ASP A 431 7.80 -29.89 4.26
N ALA A 432 6.96 -30.92 4.37
CA ALA A 432 7.27 -32.24 3.83
C ALA A 432 7.52 -32.16 2.31
N GLU A 433 6.77 -31.28 1.64
CA GLU A 433 6.89 -31.09 0.20
C GLU A 433 8.21 -30.41 -0.17
N GLU A 434 8.58 -29.38 0.59
CA GLU A 434 9.82 -28.68 0.31
C GLU A 434 10.99 -29.62 0.56
N VAL A 435 10.87 -30.47 1.58
CA VAL A 435 11.93 -31.41 1.90
C VAL A 435 12.10 -32.46 0.79
N SER A 436 11.01 -32.87 0.16
CA SER A 436 11.08 -33.85 -0.92
C SER A 436 11.82 -33.26 -2.12
N ARG A 437 11.43 -32.04 -2.49
CA ARG A 437 12.04 -31.36 -3.63
C ARG A 437 13.53 -31.11 -3.42
N GLY A 438 13.98 -31.21 -2.18
CA GLY A 438 15.37 -31.02 -1.87
C GLY A 438 16.11 -32.34 -1.99
N GLN A 439 15.37 -33.44 -1.99
CA GLN A 439 15.95 -34.78 -2.09
C GLN A 439 16.80 -34.89 -3.35
N ALA A 440 16.15 -34.81 -4.51
CA ALA A 440 16.81 -34.93 -5.80
C ALA A 440 18.13 -34.17 -5.90
N SER A 441 18.08 -32.86 -5.73
CA SER A 441 19.27 -32.01 -5.82
C SER A 441 20.19 -32.12 -4.61
N GLY A 442 19.79 -32.94 -3.63
CA GLY A 442 20.60 -33.13 -2.44
C GLY A 442 20.61 -31.96 -1.48
N LYS A 443 19.59 -31.10 -1.55
CA LYS A 443 19.50 -29.95 -0.66
C LYS A 443 18.55 -30.30 0.49
N PRO A 444 18.64 -29.58 1.61
CA PRO A 444 17.78 -29.84 2.77
C PRO A 444 16.30 -29.72 2.37
N ARG A 445 16.05 -28.79 1.46
CA ARG A 445 14.71 -28.54 0.95
C ARG A 445 14.77 -27.64 -0.27
N GLU A 446 13.64 -27.51 -0.94
CA GLU A 446 13.51 -26.62 -2.08
C GLU A 446 12.25 -25.83 -1.79
N LYS A 447 12.44 -24.63 -1.26
CA LYS A 447 11.34 -23.75 -0.88
C LYS A 447 10.32 -23.47 -1.97
N LEU A 448 9.06 -23.45 -1.55
CA LEU A 448 7.93 -23.14 -2.43
C LEU A 448 7.86 -21.62 -2.38
N LEU A 449 7.91 -20.97 -3.53
CA LEU A 449 7.89 -19.52 -3.59
C LEU A 449 6.55 -18.96 -4.06
N ASP A 450 5.81 -19.74 -4.84
CA ASP A 450 4.53 -19.29 -5.37
C ASP A 450 3.41 -19.37 -4.33
N PRO A 451 2.92 -18.22 -3.88
CA PRO A 451 1.85 -18.15 -2.88
C PRO A 451 0.64 -19.03 -3.20
N GLN A 452 0.17 -18.94 -4.44
CA GLN A 452 -1.00 -19.70 -4.85
C GLN A 452 -0.77 -21.20 -4.93
N GLU A 453 0.46 -21.61 -5.21
CA GLU A 453 0.75 -23.03 -5.28
C GLU A 453 0.80 -23.60 -3.87
N MET A 454 1.40 -22.85 -2.95
CA MET A 454 1.50 -23.28 -1.57
C MET A 454 0.10 -23.54 -1.03
N LEU A 455 -0.84 -22.66 -1.37
CA LEU A 455 -2.22 -22.80 -0.92
C LEU A 455 -2.89 -23.98 -1.61
N ARG A 456 -2.56 -24.19 -2.88
CA ARG A 456 -3.15 -25.30 -3.62
C ARG A 456 -2.77 -26.60 -2.93
N LEU A 457 -1.52 -26.70 -2.50
CA LEU A 457 -1.04 -27.89 -1.81
C LEU A 457 -1.94 -28.20 -0.62
N LEU A 458 -2.03 -27.25 0.31
CA LEU A 458 -2.83 -27.38 1.52
C LEU A 458 -4.31 -27.59 1.24
N GLY A 459 -4.69 -27.56 -0.04
CA GLY A 459 -6.08 -27.75 -0.39
C GLY A 459 -6.81 -26.43 -0.34
N HIS A 460 -6.20 -25.46 0.33
CA HIS A 460 -6.77 -24.12 0.46
C HIS A 460 -7.15 -23.53 -0.89
N ASP B 5 23.43 -43.27 32.37
CA ASP B 5 24.36 -42.33 33.06
C ASP B 5 25.20 -42.99 34.16
N LYS B 6 26.51 -43.07 33.94
CA LYS B 6 27.40 -43.67 34.92
C LYS B 6 27.90 -42.64 35.94
N ILE B 7 27.87 -41.37 35.56
CA ILE B 7 28.33 -40.31 36.46
C ILE B 7 27.23 -39.29 36.78
N THR B 8 27.33 -38.67 37.96
CA THR B 8 26.35 -37.69 38.41
C THR B 8 26.84 -36.25 38.21
N VAL B 9 25.91 -35.36 37.88
CA VAL B 9 26.21 -33.95 37.65
C VAL B 9 25.09 -33.08 38.23
N HIS B 10 25.47 -32.02 38.94
CA HIS B 10 24.51 -31.12 39.55
C HIS B 10 24.39 -29.80 38.77
N PHE B 11 23.16 -29.43 38.42
CA PHE B 11 22.91 -28.20 37.68
C PHE B 11 22.17 -27.18 38.54
N ILE B 12 22.80 -26.04 38.80
CA ILE B 12 22.18 -24.99 39.60
C ILE B 12 21.42 -24.03 38.66
N ASN B 13 20.13 -24.31 38.46
CA ASN B 13 19.30 -23.49 37.59
C ASN B 13 19.31 -22.02 38.01
N ARG B 14 18.75 -21.16 37.17
CA ARG B 14 18.72 -19.73 37.45
C ARG B 14 17.89 -19.36 38.69
N ASP B 15 16.90 -20.20 39.00
CA ASP B 15 16.03 -19.95 40.16
C ASP B 15 16.53 -20.61 41.43
N GLY B 16 17.84 -20.69 41.60
CA GLY B 16 18.42 -21.30 42.78
C GLY B 16 18.29 -22.81 42.83
N GLU B 17 17.15 -23.34 42.41
CA GLU B 17 16.89 -24.78 42.41
C GLU B 17 17.99 -25.61 41.78
N THR B 18 18.25 -26.77 42.37
CA THR B 18 19.28 -27.68 41.88
C THR B 18 18.63 -28.88 41.22
N LEU B 19 19.20 -29.31 40.09
CA LEU B 19 18.67 -30.44 39.36
C LEU B 19 19.76 -31.51 39.21
N THR B 20 19.72 -32.52 40.06
CA THR B 20 20.71 -33.60 40.01
C THR B 20 20.27 -34.62 38.97
N THR B 21 21.25 -35.25 38.32
CA THR B 21 20.96 -36.24 37.30
C THR B 21 22.25 -36.94 36.86
N LYS B 22 22.10 -38.09 36.20
CA LYS B 22 23.25 -38.85 35.72
C LYS B 22 23.27 -38.91 34.19
N GLY B 23 24.49 -38.88 33.64
CA GLY B 23 24.66 -38.95 32.20
C GLY B 23 25.88 -39.79 31.91
N LYS B 24 25.78 -40.74 30.98
CA LYS B 24 26.91 -41.59 30.68
C LYS B 24 28.07 -40.82 30.07
N ILE B 25 29.28 -41.14 30.52
CA ILE B 25 30.49 -40.50 30.05
C ILE B 25 30.50 -40.43 28.52
N GLY B 26 31.11 -39.36 27.99
CA GLY B 26 31.17 -39.20 26.54
C GLY B 26 30.16 -38.21 26.02
N ASP B 27 29.09 -37.98 26.79
CA ASP B 27 28.05 -37.04 26.39
C ASP B 27 28.37 -35.62 26.79
N SER B 28 27.95 -34.66 25.95
CA SER B 28 28.16 -33.27 26.25
C SER B 28 27.12 -32.94 27.30
N LEU B 29 27.34 -31.89 28.08
CA LEU B 29 26.36 -31.52 29.09
C LEU B 29 25.01 -31.17 28.45
N LEU B 30 25.03 -30.85 27.16
CA LEU B 30 23.80 -30.53 26.46
C LEU B 30 23.01 -31.83 26.37
N ASP B 31 23.73 -32.94 26.16
CA ASP B 31 23.11 -34.26 26.08
C ASP B 31 22.53 -34.61 27.43
N VAL B 32 23.26 -34.30 28.49
CA VAL B 32 22.80 -34.57 29.85
C VAL B 32 21.52 -33.78 30.09
N VAL B 33 21.51 -32.53 29.66
CA VAL B 33 20.35 -31.65 29.83
C VAL B 33 19.15 -32.10 29.00
N VAL B 34 19.34 -32.20 27.68
CA VAL B 34 18.26 -32.59 26.78
C VAL B 34 17.58 -33.92 27.13
N GLN B 35 18.34 -35.01 27.06
CA GLN B 35 17.80 -36.34 27.32
C GLN B 35 17.23 -36.59 28.72
N ASN B 36 17.66 -35.81 29.70
CA ASN B 36 17.16 -35.95 31.07
C ASN B 36 15.94 -35.05 31.29
N ASN B 37 15.62 -34.27 30.26
CA ASN B 37 14.48 -33.35 30.31
C ASN B 37 14.55 -32.32 31.42
N LEU B 38 15.71 -31.68 31.55
CA LEU B 38 15.89 -30.64 32.56
C LEU B 38 15.28 -29.36 32.00
N ASP B 39 14.56 -28.63 32.84
CA ASP B 39 13.93 -27.38 32.44
C ASP B 39 14.83 -26.18 32.67
N ILE B 40 15.69 -25.90 31.70
CA ILE B 40 16.59 -24.76 31.78
C ILE B 40 16.23 -23.85 30.61
N ASP B 41 15.49 -22.77 30.91
CA ASP B 41 15.04 -21.80 29.91
C ASP B 41 15.89 -21.64 28.66
N GLY B 42 15.39 -22.16 27.55
CA GLY B 42 16.08 -22.07 26.27
C GLY B 42 17.53 -22.50 26.24
N PHE B 43 17.83 -23.66 26.85
CA PHE B 43 19.18 -24.17 26.88
C PHE B 43 19.44 -25.06 25.68
N GLY B 44 20.50 -24.74 24.93
CA GLY B 44 20.86 -25.53 23.75
C GLY B 44 19.96 -25.31 22.55
N ALA B 45 19.79 -24.04 22.17
CA ALA B 45 18.93 -23.67 21.04
C ALA B 45 19.39 -24.18 19.68
N CYS B 46 20.68 -24.06 19.38
CA CYS B 46 21.20 -24.51 18.09
C CYS B 46 21.49 -26.00 18.13
N GLU B 47 21.17 -26.63 19.26
CA GLU B 47 21.37 -28.06 19.45
C GLU B 47 22.84 -28.45 19.38
N GLY B 48 23.67 -27.71 20.12
CA GLY B 48 25.09 -27.97 20.18
C GLY B 48 25.89 -27.93 18.89
N THR B 49 25.77 -26.85 18.13
CA THR B 49 26.50 -26.73 16.87
C THR B 49 27.37 -25.47 16.80
N LEU B 50 27.58 -24.83 17.95
CA LEU B 50 28.38 -23.61 18.02
C LEU B 50 27.75 -22.47 17.21
N ALA B 51 26.45 -22.28 17.38
CA ALA B 51 25.72 -21.23 16.66
C ALA B 51 24.97 -20.31 17.61
N CYS B 52 25.04 -20.61 18.91
CA CYS B 52 24.38 -19.82 19.92
C CYS B 52 25.25 -19.81 21.17
N SER B 53 24.69 -19.41 22.29
CA SER B 53 25.44 -19.38 23.55
C SER B 53 24.50 -19.72 24.70
N THR B 54 23.38 -20.34 24.37
CA THR B 54 22.37 -20.72 25.36
C THR B 54 22.77 -21.91 26.24
N CYS B 55 23.79 -22.65 25.82
CA CYS B 55 24.27 -23.80 26.58
C CYS B 55 25.41 -23.37 27.51
N HIS B 56 25.59 -22.06 27.64
CA HIS B 56 26.64 -21.49 28.48
C HIS B 56 26.55 -22.04 29.91
N LEU B 57 27.67 -22.50 30.43
CA LEU B 57 27.72 -23.05 31.78
C LEU B 57 28.98 -22.59 32.53
N ILE B 58 28.84 -22.47 33.84
CA ILE B 58 29.92 -22.03 34.71
C ILE B 58 30.42 -23.21 35.55
N PHE B 59 31.54 -23.80 35.12
CA PHE B 59 32.12 -24.96 35.80
C PHE B 59 32.93 -24.62 37.04
N GLU B 60 33.17 -25.64 37.86
CA GLU B 60 33.97 -25.48 39.07
C GLU B 60 35.43 -25.33 38.67
N GLN B 61 36.13 -24.46 39.38
CA GLN B 61 37.54 -24.21 39.11
C GLN B 61 38.41 -25.46 39.02
N HIS B 62 38.26 -26.36 39.99
CA HIS B 62 39.05 -27.59 40.01
C HIS B 62 38.78 -28.50 38.82
N ILE B 63 37.75 -28.20 38.03
CA ILE B 63 37.41 -28.98 36.85
C ILE B 63 37.67 -28.20 35.57
N PHE B 64 37.44 -26.89 35.62
CA PHE B 64 37.65 -26.03 34.46
C PHE B 64 39.08 -26.20 33.94
N GLU B 65 40.04 -26.18 34.86
CA GLU B 65 41.45 -26.30 34.55
C GLU B 65 41.83 -27.47 33.66
N LYS B 66 41.11 -28.59 33.79
CA LYS B 66 41.43 -29.77 33.00
C LYS B 66 40.40 -30.11 31.92
N LEU B 67 39.81 -29.09 31.31
CA LEU B 67 38.82 -29.32 30.26
C LEU B 67 39.48 -29.16 28.90
N GLU B 68 38.87 -29.77 27.88
CA GLU B 68 39.40 -29.67 26.52
C GLU B 68 39.79 -28.24 26.21
N ALA B 69 40.86 -28.08 25.43
CA ALA B 69 41.33 -26.75 25.05
C ALA B 69 40.23 -26.04 24.26
N ILE B 70 39.86 -24.84 24.69
CA ILE B 70 38.81 -24.08 24.04
C ILE B 70 39.27 -23.56 22.67
N THR B 71 38.41 -23.69 21.67
CA THR B 71 38.72 -23.24 20.30
C THR B 71 38.20 -21.83 20.05
N ASP B 72 38.60 -21.25 18.92
CA ASP B 72 38.14 -19.91 18.58
C ASP B 72 36.65 -19.97 18.29
N GLU B 73 36.24 -21.07 17.66
CA GLU B 73 34.85 -21.29 17.28
C GLU B 73 33.94 -21.21 18.51
N GLU B 74 34.47 -21.59 19.67
CA GLU B 74 33.71 -21.54 20.92
C GLU B 74 33.82 -20.17 21.56
N ASN B 75 34.99 -19.54 21.44
CA ASN B 75 35.20 -18.21 22.00
C ASN B 75 34.36 -17.18 21.24
N ASP B 76 34.17 -17.44 19.95
CA ASP B 76 33.39 -16.54 19.09
C ASP B 76 31.94 -16.44 19.58
N MET B 77 31.39 -17.55 20.04
CA MET B 77 30.01 -17.58 20.53
C MET B 77 29.93 -17.20 22.00
N LEU B 78 31.02 -17.45 22.71
CA LEU B 78 31.11 -17.17 24.14
C LEU B 78 31.20 -15.67 24.45
N ASP B 79 31.74 -14.90 23.51
CA ASP B 79 31.88 -13.46 23.71
C ASP B 79 30.50 -12.79 23.71
N LEU B 80 29.55 -13.41 23.02
CA LEU B 80 28.20 -12.88 22.93
C LEU B 80 27.30 -13.34 24.08
N ALA B 81 27.88 -14.09 25.02
CA ALA B 81 27.12 -14.60 26.16
C ALA B 81 27.18 -13.65 27.36
N TYR B 82 26.07 -13.56 28.09
CA TYR B 82 26.00 -12.72 29.27
C TYR B 82 26.33 -13.54 30.51
N GLY B 83 26.62 -12.85 31.62
CA GLY B 83 26.95 -13.56 32.85
C GLY B 83 28.23 -14.36 32.70
N LEU B 84 29.10 -13.88 31.81
CA LEU B 84 30.37 -14.52 31.52
C LEU B 84 31.32 -14.45 32.72
N THR B 85 31.97 -15.57 33.03
CA THR B 85 32.91 -15.66 34.14
C THR B 85 34.26 -16.17 33.63
N ASP B 86 35.17 -16.47 34.55
CA ASP B 86 36.49 -16.97 34.17
C ASP B 86 36.47 -18.49 34.07
N ARG B 87 35.33 -19.09 34.42
CA ARG B 87 35.17 -20.54 34.38
C ARG B 87 34.02 -20.92 33.45
N SER B 88 33.76 -20.06 32.46
CA SER B 88 32.67 -20.29 31.51
C SER B 88 33.10 -21.11 30.30
N ARG B 89 32.18 -21.95 29.82
CA ARG B 89 32.40 -22.79 28.64
C ARG B 89 31.04 -23.09 28.02
N LEU B 90 31.02 -23.45 26.75
CA LEU B 90 29.75 -23.79 26.12
C LEU B 90 29.47 -25.24 26.44
N GLY B 91 28.44 -25.48 27.25
CA GLY B 91 28.08 -26.83 27.65
C GLY B 91 28.12 -27.93 26.62
N CYS B 92 27.66 -27.66 25.41
CA CYS B 92 27.63 -28.67 24.35
C CYS B 92 29.00 -29.03 23.78
N GLN B 93 30.04 -28.34 24.25
CA GLN B 93 31.39 -28.60 23.78
C GLN B 93 32.17 -29.43 24.79
N ILE B 94 31.58 -29.61 25.97
CA ILE B 94 32.20 -30.37 27.04
C ILE B 94 31.61 -31.78 27.13
N CYS B 95 32.39 -32.79 26.78
CA CYS B 95 31.93 -34.17 26.86
C CYS B 95 32.33 -34.70 28.25
N LEU B 96 31.40 -35.38 28.92
CA LEU B 96 31.64 -35.92 30.25
C LEU B 96 32.81 -36.89 30.36
N THR B 97 33.48 -36.85 31.51
CA THR B 97 34.60 -37.74 31.81
C THR B 97 34.39 -38.34 33.19
N LYS B 98 35.21 -39.32 33.52
CA LYS B 98 35.10 -40.00 34.81
C LYS B 98 35.38 -39.08 36.00
N ALA B 99 36.21 -38.06 35.81
CA ALA B 99 36.56 -37.14 36.88
C ALA B 99 35.54 -36.04 37.15
N MET B 100 34.49 -35.98 36.32
CA MET B 100 33.46 -34.96 36.47
C MET B 100 32.30 -35.37 37.38
N ASP B 101 32.25 -36.66 37.72
CA ASP B 101 31.19 -37.19 38.58
C ASP B 101 30.99 -36.33 39.83
N ASN B 102 29.74 -35.98 40.11
CA ASN B 102 29.35 -35.18 41.27
C ASN B 102 29.67 -33.68 41.17
N MET B 103 30.18 -33.24 40.03
CA MET B 103 30.52 -31.82 39.87
C MET B 103 29.27 -30.97 39.90
N THR B 104 29.46 -29.65 39.94
CA THR B 104 28.35 -28.71 39.97
C THR B 104 28.54 -27.57 38.97
N VAL B 105 27.69 -27.55 37.95
CA VAL B 105 27.73 -26.52 36.92
C VAL B 105 26.62 -25.52 37.22
N ARG B 106 26.90 -24.24 37.06
CA ARG B 106 25.90 -23.21 37.35
C ARG B 106 25.48 -22.45 36.09
N VAL B 107 24.17 -22.42 35.84
CA VAL B 107 23.62 -21.72 34.68
C VAL B 107 23.58 -20.23 35.00
N PRO B 108 24.25 -19.41 34.16
CA PRO B 108 24.29 -17.96 34.36
C PRO B 108 22.93 -17.26 34.32
N ASP B 109 22.69 -16.42 35.32
CA ASP B 109 21.44 -15.67 35.45
C ASP B 109 21.75 -14.18 35.54
N ALA B 110 21.69 -13.65 36.76
CA ALA B 110 21.98 -12.23 37.04
C ALA B 110 21.20 -11.25 36.16
N VAL B 111 21.76 -10.06 35.98
CA VAL B 111 21.13 -9.02 35.17
C VAL B 111 21.65 -9.03 33.73
N SER B 112 20.88 -9.63 32.84
CA SER B 112 21.24 -9.71 31.44
C SER B 112 20.41 -8.73 30.63
N ASP B 113 19.59 -7.94 31.32
CA ASP B 113 18.76 -6.95 30.64
C ASP B 113 19.68 -6.01 29.88
N ALA B 114 20.96 -6.04 30.25
CA ALA B 114 21.98 -5.21 29.61
C ALA B 114 22.22 -5.62 28.17
N ARG B 115 21.93 -6.88 27.84
CA ARG B 115 22.13 -7.37 26.48
C ARG B 115 20.95 -7.00 25.57
N GLU B 116 19.88 -6.49 26.17
CA GLU B 116 18.69 -6.05 25.43
C GLU B 116 18.68 -4.54 25.29
N SER B 117 19.23 -4.03 24.19
CA SER B 117 19.28 -2.60 23.95
C SER B 117 19.35 -2.28 22.46
N GLN C 5 -27.64 34.60 -42.61
CA GLN C 5 -28.38 35.44 -41.62
C GLN C 5 -28.63 34.69 -40.31
N THR C 6 -28.65 33.36 -40.39
CA THR C 6 -28.88 32.54 -39.21
C THR C 6 -27.64 31.70 -38.87
N PRO C 7 -27.00 31.99 -37.72
CA PRO C 7 -25.82 31.27 -37.26
C PRO C 7 -26.12 29.80 -37.01
N GLN C 8 -25.40 28.91 -37.70
CA GLN C 8 -25.60 27.48 -37.54
C GLN C 8 -24.45 26.85 -36.75
N ILE C 9 -24.74 26.47 -35.50
CA ILE C 9 -23.72 25.85 -34.65
C ILE C 9 -24.04 24.37 -34.37
N CYS C 10 -23.02 23.54 -34.47
CA CYS C 10 -23.17 22.12 -34.25
C CYS C 10 -22.38 21.64 -33.03
N VAL C 11 -23.01 20.81 -32.22
CA VAL C 11 -22.35 20.26 -31.02
C VAL C 11 -22.36 18.74 -31.11
N VAL C 12 -21.19 18.14 -30.91
CA VAL C 12 -21.06 16.68 -30.96
C VAL C 12 -20.96 16.12 -29.54
N GLY C 13 -22.02 15.42 -29.12
CA GLY C 13 -22.05 14.84 -27.79
C GLY C 13 -23.09 15.57 -26.95
N SER C 14 -24.00 14.84 -26.33
CA SER C 14 -25.06 15.45 -25.52
C SER C 14 -24.89 15.29 -24.01
N GLY C 15 -23.65 15.31 -23.54
CA GLY C 15 -23.39 15.20 -22.11
C GLY C 15 -23.36 16.59 -21.52
N PRO C 16 -22.94 16.76 -20.26
CA PRO C 16 -22.88 18.10 -19.64
C PRO C 16 -22.18 19.16 -20.50
N ALA C 17 -21.09 18.79 -21.16
CA ALA C 17 -20.33 19.73 -21.99
C ALA C 17 -21.12 20.17 -23.22
N GLY C 18 -21.69 19.20 -23.93
CA GLY C 18 -22.47 19.54 -25.10
C GLY C 18 -23.63 20.46 -24.74
N PHE C 19 -24.37 20.09 -23.69
CA PHE C 19 -25.52 20.88 -23.25
C PHE C 19 -25.17 22.24 -22.63
N TYR C 20 -24.10 22.29 -21.84
CA TYR C 20 -23.72 23.55 -21.23
C TYR C 20 -23.13 24.49 -22.28
N THR C 21 -22.58 23.93 -23.35
CA THR C 21 -22.02 24.75 -24.41
C THR C 21 -23.21 25.33 -25.19
N ALA C 22 -24.23 24.49 -25.38
CA ALA C 22 -25.43 24.88 -26.10
C ALA C 22 -26.16 25.97 -25.32
N GLN C 23 -26.24 25.78 -24.01
CA GLN C 23 -26.91 26.74 -23.14
C GLN C 23 -26.25 28.11 -23.23
N HIS C 24 -24.93 28.13 -23.19
CA HIS C 24 -24.18 29.38 -23.26
C HIS C 24 -24.49 30.10 -24.59
N LEU C 25 -24.35 29.36 -25.69
CA LEU C 25 -24.59 29.91 -27.02
C LEU C 25 -25.99 30.47 -27.19
N LEU C 26 -27.00 29.71 -26.76
CA LEU C 26 -28.39 30.14 -26.87
C LEU C 26 -28.72 31.31 -25.96
N LYS C 27 -27.93 31.49 -24.92
CA LYS C 27 -28.14 32.58 -23.97
C LYS C 27 -27.45 33.86 -24.38
N HIS C 28 -26.28 33.74 -25.00
CA HIS C 28 -25.50 34.92 -25.39
C HIS C 28 -25.59 35.29 -26.87
N HIS C 29 -26.49 34.63 -27.59
CA HIS C 29 -26.72 34.93 -28.99
C HIS C 29 -28.18 34.57 -29.26
N SER C 30 -28.98 35.58 -29.52
CA SER C 30 -30.41 35.43 -29.74
C SER C 30 -30.88 34.87 -31.08
N ARG C 31 -29.98 34.74 -32.05
CA ARG C 31 -30.34 34.23 -33.38
C ARG C 31 -29.78 32.84 -33.66
N ALA C 32 -28.58 32.59 -33.14
CA ALA C 32 -27.90 31.31 -33.36
C ALA C 32 -28.76 30.08 -33.10
N HIS C 33 -28.57 29.07 -33.94
CA HIS C 33 -29.31 27.82 -33.81
C HIS C 33 -28.28 26.75 -33.45
N VAL C 34 -28.62 25.90 -32.47
CA VAL C 34 -27.72 24.84 -32.03
C VAL C 34 -28.27 23.43 -32.25
N ASP C 35 -27.47 22.58 -32.90
CA ASP C 35 -27.87 21.20 -33.13
C ASP C 35 -26.94 20.30 -32.32
N ILE C 36 -27.52 19.43 -31.50
CA ILE C 36 -26.76 18.51 -30.67
C ILE C 36 -26.89 17.07 -31.18
N TYR C 37 -25.76 16.50 -31.63
CA TYR C 37 -25.73 15.14 -32.13
C TYR C 37 -25.23 14.21 -31.02
N GLU C 38 -25.84 13.03 -30.93
CA GLU C 38 -25.50 12.04 -29.89
C GLU C 38 -25.56 10.62 -30.46
N LYS C 39 -24.50 9.84 -30.26
CA LYS C 39 -24.50 8.47 -30.78
C LYS C 39 -25.46 7.52 -30.08
N GLN C 40 -25.70 7.73 -28.79
CA GLN C 40 -26.64 6.89 -28.04
C GLN C 40 -28.05 7.28 -28.48
N LEU C 41 -29.05 6.52 -28.04
CA LEU C 41 -30.43 6.84 -28.41
C LEU C 41 -30.95 7.97 -27.55
N VAL C 42 -30.43 8.10 -26.32
CA VAL C 42 -30.86 9.13 -25.39
C VAL C 42 -29.73 10.13 -25.07
N PRO C 43 -30.07 11.31 -24.50
CA PRO C 43 -29.13 12.37 -24.13
C PRO C 43 -28.59 12.34 -22.69
N PHE C 44 -27.78 13.35 -22.37
CA PHE C 44 -27.20 13.55 -21.04
C PHE C 44 -25.89 12.83 -20.71
N GLY C 45 -25.43 11.95 -21.59
CA GLY C 45 -24.17 11.24 -21.35
C GLY C 45 -23.96 10.62 -19.98
N LEU C 46 -22.80 10.89 -19.39
CA LEU C 46 -22.44 10.34 -18.08
C LEU C 46 -23.34 10.74 -16.91
N VAL C 47 -24.15 11.78 -17.08
CA VAL C 47 -25.05 12.18 -16.00
C VAL C 47 -26.06 11.05 -15.80
N ARG C 48 -26.42 10.39 -16.90
CA ARG C 48 -27.34 9.27 -16.86
C ARG C 48 -26.60 7.93 -16.77
N PHE C 49 -25.54 7.77 -17.57
CA PHE C 49 -24.78 6.53 -17.62
C PHE C 49 -23.54 6.45 -16.72
N GLY C 50 -23.14 7.57 -16.14
CA GLY C 50 -21.96 7.57 -15.29
C GLY C 50 -22.26 7.77 -13.81
N VAL C 51 -22.87 8.90 -13.47
CA VAL C 51 -23.22 9.21 -12.09
C VAL C 51 -23.98 8.05 -11.45
N ALA C 52 -23.53 7.63 -10.27
CA ALA C 52 -24.12 6.51 -9.54
C ALA C 52 -25.61 6.68 -9.23
N PRO C 53 -26.35 5.55 -9.15
CA PRO C 53 -27.79 5.55 -8.87
C PRO C 53 -28.12 6.04 -7.46
N ASP C 54 -27.11 6.03 -6.59
CA ASP C 54 -27.27 6.47 -5.21
C ASP C 54 -26.77 7.90 -5.05
N HIS C 55 -26.63 8.59 -6.19
CA HIS C 55 -26.20 9.99 -6.25
C HIS C 55 -27.23 10.70 -7.13
N PRO C 56 -28.54 10.52 -6.85
CA PRO C 56 -29.62 11.14 -7.62
C PRO C 56 -29.67 12.66 -7.69
N GLU C 57 -29.31 13.34 -6.63
CA GLU C 57 -29.34 14.80 -6.64
C GLU C 57 -28.40 15.35 -7.71
N VAL C 58 -27.31 14.65 -7.94
CA VAL C 58 -26.34 15.06 -8.95
C VAL C 58 -27.02 15.13 -10.31
N LYS C 59 -27.96 14.21 -10.53
CA LYS C 59 -28.69 14.11 -11.78
C LYS C 59 -29.77 15.19 -11.98
N ASN C 60 -29.99 16.03 -10.98
CA ASN C 60 -30.98 17.10 -11.11
C ASN C 60 -30.59 18.07 -12.23
N VAL C 61 -29.31 18.07 -12.56
CA VAL C 61 -28.78 18.93 -13.61
C VAL C 61 -29.48 18.61 -14.91
N ILE C 62 -30.12 17.44 -14.98
CA ILE C 62 -30.82 17.04 -16.18
C ILE C 62 -31.99 17.97 -16.48
N ASN C 63 -32.53 18.59 -15.44
CA ASN C 63 -33.65 19.51 -15.61
C ASN C 63 -33.21 20.77 -16.34
N THR C 64 -32.02 21.26 -16.03
CA THR C 64 -31.51 22.45 -16.70
C THR C 64 -31.25 22.10 -18.18
N PHE C 65 -30.66 20.93 -18.42
CA PHE C 65 -30.37 20.49 -19.79
C PHE C 65 -31.66 20.38 -20.60
N THR C 66 -32.72 19.92 -19.95
CA THR C 66 -34.01 19.75 -20.60
C THR C 66 -34.60 21.09 -21.03
N GLN C 67 -34.40 22.12 -20.22
CA GLN C 67 -34.90 23.45 -20.56
C GLN C 67 -34.17 23.97 -21.78
N THR C 68 -32.88 23.67 -21.86
CA THR C 68 -32.09 24.10 -23.01
C THR C 68 -32.60 23.35 -24.23
N ALA C 69 -32.72 22.03 -24.09
CA ALA C 69 -33.19 21.17 -25.17
C ALA C 69 -34.55 21.60 -25.71
N ARG C 70 -35.38 22.15 -24.82
CA ARG C 70 -36.72 22.59 -25.19
C ARG C 70 -36.76 23.95 -25.87
N SER C 71 -35.59 24.59 -26.01
CA SER C 71 -35.51 25.88 -26.68
C SER C 71 -35.88 25.69 -28.14
N ASP C 72 -36.51 26.71 -28.73
CA ASP C 72 -36.92 26.66 -30.13
C ASP C 72 -35.74 26.67 -31.07
N ARG C 73 -34.58 27.09 -30.55
CA ARG C 73 -33.38 27.15 -31.36
C ARG C 73 -32.41 26.01 -31.07
N CYS C 74 -32.91 24.96 -30.43
CA CYS C 74 -32.08 23.81 -30.11
C CYS C 74 -32.75 22.55 -30.67
N ALA C 75 -31.94 21.66 -31.22
CA ALA C 75 -32.46 20.42 -31.77
C ALA C 75 -31.54 19.28 -31.34
N PHE C 76 -32.12 18.11 -31.10
CA PHE C 76 -31.37 16.94 -30.66
C PHE C 76 -31.41 15.85 -31.73
N TYR C 77 -30.25 15.23 -31.97
CA TYR C 77 -30.15 14.16 -32.95
C TYR C 77 -29.42 12.97 -32.36
N GLY C 78 -30.16 12.14 -31.63
CA GLY C 78 -29.58 10.95 -31.02
C GLY C 78 -29.45 9.87 -32.08
N ASN C 79 -28.79 8.77 -31.73
CA ASN C 79 -28.59 7.67 -32.66
C ASN C 79 -27.75 8.10 -33.87
N VAL C 80 -26.88 9.08 -33.66
CA VAL C 80 -26.00 9.57 -34.71
C VAL C 80 -24.57 9.53 -34.22
N GLU C 81 -23.81 8.52 -34.64
CA GLU C 81 -22.42 8.42 -34.23
C GLU C 81 -21.55 9.20 -35.17
N VAL C 82 -21.18 10.41 -34.75
CA VAL C 82 -20.32 11.26 -35.58
C VAL C 82 -18.98 10.53 -35.78
N GLY C 83 -18.44 10.66 -36.98
CA GLY C 83 -17.19 9.99 -37.27
C GLY C 83 -17.50 8.72 -38.04
N ARG C 84 -18.72 8.24 -37.92
CA ARG C 84 -19.12 7.04 -38.65
C ARG C 84 -20.36 7.30 -39.51
N ASP C 85 -21.42 7.82 -38.91
CA ASP C 85 -22.64 8.12 -39.65
C ASP C 85 -22.53 9.44 -40.41
N VAL C 86 -21.61 10.28 -39.96
CA VAL C 86 -21.35 11.58 -40.56
C VAL C 86 -20.04 12.04 -39.96
N THR C 87 -19.13 12.51 -40.82
CA THR C 87 -17.83 12.95 -40.34
C THR C 87 -17.82 14.40 -39.87
N VAL C 88 -16.79 14.74 -39.10
CA VAL C 88 -16.67 16.09 -38.58
C VAL C 88 -16.55 17.07 -39.75
N GLN C 89 -15.86 16.64 -40.80
CA GLN C 89 -15.67 17.49 -41.98
C GLN C 89 -17.00 17.85 -42.64
N GLU C 90 -17.91 16.88 -42.72
CA GLU C 90 -19.21 17.11 -43.34
C GLU C 90 -20.02 18.03 -42.43
N LEU C 91 -19.78 17.96 -41.12
CA LEU C 91 -20.48 18.83 -40.19
C LEU C 91 -19.91 20.24 -40.29
N GLN C 92 -18.61 20.33 -40.53
CA GLN C 92 -17.94 21.63 -40.64
C GLN C 92 -18.43 22.38 -41.87
N ASP C 93 -18.67 21.65 -42.96
CA ASP C 93 -19.14 22.25 -44.20
C ASP C 93 -20.62 22.65 -44.14
N ALA C 94 -21.37 22.04 -43.23
CA ALA C 94 -22.80 22.31 -43.08
C ALA C 94 -23.11 23.36 -42.01
N TYR C 95 -22.11 23.67 -41.20
CA TYR C 95 -22.30 24.66 -40.13
C TYR C 95 -21.21 25.72 -40.18
N HIS C 96 -21.41 26.77 -39.38
CA HIS C 96 -20.44 27.85 -39.27
C HIS C 96 -19.40 27.47 -38.22
N ALA C 97 -19.81 26.64 -37.27
CA ALA C 97 -18.91 26.18 -36.21
C ALA C 97 -19.34 24.83 -35.67
N VAL C 98 -18.34 24.04 -35.25
CA VAL C 98 -18.60 22.72 -34.68
C VAL C 98 -17.84 22.58 -33.36
N VAL C 99 -18.55 22.16 -32.31
CA VAL C 99 -17.94 21.96 -31.01
C VAL C 99 -17.90 20.48 -30.67
N LEU C 100 -16.70 19.96 -30.44
CA LEU C 100 -16.53 18.56 -30.09
C LEU C 100 -16.66 18.42 -28.57
N SER C 101 -17.69 17.69 -28.12
CA SER C 101 -17.94 17.49 -26.69
C SER C 101 -18.29 16.02 -26.41
N TYR C 102 -17.61 15.09 -27.09
CA TYR C 102 -17.93 13.68 -26.93
C TYR C 102 -17.24 12.93 -25.79
N GLY C 103 -16.75 13.69 -24.82
CA GLY C 103 -16.09 13.12 -23.65
C GLY C 103 -14.92 12.18 -23.86
N ALA C 104 -14.68 11.34 -22.86
CA ALA C 104 -13.60 10.37 -22.87
C ALA C 104 -14.20 8.99 -22.68
N GLU C 105 -14.57 8.36 -23.79
CA GLU C 105 -15.22 7.06 -23.78
C GLU C 105 -14.31 5.84 -23.79
N ASP C 106 -13.12 6.00 -24.35
CA ASP C 106 -12.18 4.89 -24.44
C ASP C 106 -11.66 4.47 -23.08
N HIS C 107 -10.74 3.52 -23.09
CA HIS C 107 -10.13 3.01 -21.86
C HIS C 107 -8.74 2.45 -22.16
N GLN C 108 -7.76 2.88 -21.36
CA GLN C 108 -6.39 2.43 -21.55
C GLN C 108 -6.25 0.94 -21.30
N ALA C 109 -5.65 0.25 -22.26
CA ALA C 109 -5.42 -1.19 -22.17
C ALA C 109 -4.50 -1.46 -20.98
N LEU C 110 -5.00 -2.24 -20.02
CA LEU C 110 -4.22 -2.58 -18.83
C LEU C 110 -2.82 -3.03 -19.27
N ASP C 111 -2.78 -3.67 -20.44
CA ASP C 111 -1.56 -4.17 -21.06
C ASP C 111 -0.69 -5.03 -20.14
N ILE C 112 -1.29 -6.06 -19.56
CA ILE C 112 -0.59 -6.99 -18.69
C ILE C 112 -1.10 -8.39 -19.02
N PRO C 113 -0.26 -9.41 -18.86
CA PRO C 113 -0.74 -10.77 -19.16
C PRO C 113 -1.94 -11.17 -18.32
N GLY C 114 -2.85 -11.93 -18.92
CA GLY C 114 -4.03 -12.39 -18.22
C GLY C 114 -5.14 -11.36 -18.07
N GLU C 115 -4.96 -10.19 -18.67
CA GLU C 115 -5.97 -9.14 -18.58
C GLU C 115 -7.24 -9.47 -19.38
N GLU C 116 -7.17 -10.53 -20.17
CA GLU C 116 -8.32 -10.95 -20.98
C GLU C 116 -9.16 -12.02 -20.29
N LEU C 117 -8.67 -12.51 -19.16
CA LEU C 117 -9.37 -13.55 -18.40
C LEU C 117 -10.74 -13.12 -17.89
N PRO C 118 -11.70 -14.06 -17.87
CA PRO C 118 -13.05 -13.75 -17.37
C PRO C 118 -12.92 -13.28 -15.92
N GLY C 119 -13.55 -12.16 -15.61
CA GLY C 119 -13.49 -11.62 -14.26
C GLY C 119 -12.79 -10.28 -14.28
N VAL C 120 -12.11 -10.00 -15.40
CA VAL C 120 -11.40 -8.74 -15.57
C VAL C 120 -12.32 -7.81 -16.36
N PHE C 121 -12.74 -6.72 -15.74
CA PHE C 121 -13.64 -5.78 -16.38
C PHE C 121 -13.14 -4.35 -16.37
N SER C 122 -13.66 -3.57 -17.31
CA SER C 122 -13.34 -2.16 -17.39
C SER C 122 -14.24 -1.58 -16.31
N ALA C 123 -13.71 -0.71 -15.46
CA ALA C 123 -14.52 -0.14 -14.38
C ALA C 123 -15.76 0.58 -14.91
N ARG C 124 -15.62 1.36 -15.98
CA ARG C 124 -16.77 2.08 -16.51
C ARG C 124 -17.73 1.19 -17.33
N ALA C 125 -17.30 -0.03 -17.59
CA ALA C 125 -18.15 -0.99 -18.30
C ALA C 125 -19.05 -1.55 -17.18
N PHE C 126 -18.45 -1.75 -16.01
CA PHE C 126 -19.19 -2.24 -14.85
C PHE C 126 -20.23 -1.18 -14.49
N VAL C 127 -19.78 0.08 -14.49
CA VAL C 127 -20.66 1.21 -14.19
C VAL C 127 -21.73 1.28 -15.28
N GLY C 128 -21.30 1.15 -16.54
CA GLY C 128 -22.25 1.17 -17.64
C GLY C 128 -23.28 0.08 -17.43
N TRP C 129 -22.81 -1.07 -16.93
CA TRP C 129 -23.67 -2.20 -16.66
C TRP C 129 -24.83 -1.86 -15.73
N TYR C 130 -24.53 -1.33 -14.55
CA TYR C 130 -25.60 -1.01 -13.60
C TYR C 130 -26.32 0.33 -13.85
N ASN C 131 -25.72 1.20 -14.66
CA ASN C 131 -26.36 2.48 -14.96
C ASN C 131 -27.22 2.39 -16.22
N GLY C 132 -27.38 1.17 -16.73
CA GLY C 132 -28.22 0.97 -17.90
C GLY C 132 -27.67 1.25 -19.28
N LEU C 133 -26.37 1.44 -19.42
CA LEU C 133 -25.83 1.70 -20.76
C LEU C 133 -26.09 0.43 -21.55
N PRO C 134 -26.89 0.52 -22.63
CA PRO C 134 -27.26 -0.60 -23.51
C PRO C 134 -26.17 -1.57 -23.95
N GLU C 135 -24.99 -1.07 -24.34
CA GLU C 135 -23.92 -1.95 -24.79
C GLU C 135 -23.34 -2.81 -23.66
N ASN C 136 -23.65 -2.48 -22.41
CA ASN C 136 -23.15 -3.23 -21.25
C ASN C 136 -24.24 -4.02 -20.55
N ARG C 137 -25.40 -4.16 -21.19
CA ARG C 137 -26.50 -4.88 -20.55
C ARG C 137 -26.23 -6.36 -20.36
N GLU C 138 -25.36 -6.94 -21.19
CA GLU C 138 -25.05 -8.37 -21.06
C GLU C 138 -23.70 -8.63 -20.40
N LEU C 139 -23.21 -7.66 -19.62
CA LEU C 139 -21.93 -7.81 -18.96
C LEU C 139 -21.91 -9.03 -18.03
N ALA C 140 -22.99 -9.18 -17.26
CA ALA C 140 -23.13 -10.30 -16.35
C ALA C 140 -21.86 -10.62 -15.58
N PRO C 141 -21.36 -9.68 -14.78
CA PRO C 141 -20.14 -9.95 -14.02
C PRO C 141 -20.42 -11.03 -12.99
N ASP C 142 -19.40 -11.85 -12.70
CA ASP C 142 -19.57 -12.92 -11.72
C ASP C 142 -19.29 -12.36 -10.32
N LEU C 143 -20.32 -12.30 -9.48
CA LEU C 143 -20.16 -11.77 -8.14
C LEU C 143 -20.24 -12.84 -7.04
N SER C 144 -19.87 -14.06 -7.37
CA SER C 144 -19.88 -15.15 -6.40
C SER C 144 -18.57 -15.20 -5.61
N CYS C 145 -17.60 -14.41 -6.05
CA CYS C 145 -16.30 -14.31 -5.40
C CYS C 145 -16.50 -13.36 -4.23
N ASP C 146 -15.68 -13.44 -3.18
CA ASP C 146 -15.89 -12.51 -2.09
C ASP C 146 -14.89 -11.37 -2.03
N THR C 147 -13.89 -11.41 -2.91
CA THR C 147 -12.90 -10.34 -2.94
C THR C 147 -12.81 -9.73 -4.34
N ALA C 148 -12.83 -8.40 -4.38
CA ALA C 148 -12.74 -7.67 -5.64
C ALA C 148 -11.60 -6.66 -5.52
N VAL C 149 -10.82 -6.53 -6.59
CA VAL C 149 -9.73 -5.59 -6.62
C VAL C 149 -9.96 -4.55 -7.71
N ILE C 150 -9.89 -3.28 -7.33
CA ILE C 150 -10.06 -2.19 -8.28
C ILE C 150 -8.71 -1.49 -8.43
N LEU C 151 -8.31 -1.30 -9.68
CA LEU C 151 -7.05 -0.65 -9.98
C LEU C 151 -7.28 0.82 -10.25
N GLY C 152 -6.65 1.67 -9.44
CA GLY C 152 -6.82 3.10 -9.58
C GLY C 152 -7.52 3.62 -8.35
N GLN C 153 -7.27 4.87 -7.99
CA GLN C 153 -7.89 5.45 -6.80
C GLN C 153 -8.57 6.80 -7.06
N GLY C 154 -9.58 6.78 -7.91
CA GLY C 154 -10.33 7.97 -8.24
C GLY C 154 -11.77 7.76 -7.81
N ASN C 155 -12.65 8.70 -8.11
CA ASN C 155 -14.04 8.55 -7.70
C ASN C 155 -14.77 7.42 -8.42
N VAL C 156 -14.29 7.05 -9.61
CA VAL C 156 -14.93 5.95 -10.35
C VAL C 156 -14.71 4.68 -9.54
N ALA C 157 -13.52 4.56 -8.95
CA ALA C 157 -13.17 3.41 -8.11
C ALA C 157 -14.06 3.35 -6.86
N LEU C 158 -14.31 4.51 -6.25
CA LEU C 158 -15.14 4.57 -5.06
C LEU C 158 -16.61 4.26 -5.38
N ASP C 159 -17.07 4.70 -6.54
CA ASP C 159 -18.44 4.44 -6.95
C ASP C 159 -18.65 2.94 -7.09
N VAL C 160 -17.77 2.30 -7.86
CA VAL C 160 -17.83 0.86 -8.08
C VAL C 160 -17.71 0.11 -6.75
N ALA C 161 -16.82 0.60 -5.90
CA ALA C 161 -16.58 0.01 -4.58
C ALA C 161 -17.82 0.18 -3.71
N ARG C 162 -18.39 1.38 -3.74
CA ARG C 162 -19.57 1.69 -2.95
C ARG C 162 -20.77 0.84 -3.37
N ILE C 163 -20.98 0.67 -4.68
CA ILE C 163 -22.10 -0.13 -5.18
C ILE C 163 -21.93 -1.60 -4.82
N LEU C 164 -20.71 -2.10 -4.92
CA LEU C 164 -20.42 -3.48 -4.62
C LEU C 164 -20.60 -3.81 -3.14
N LEU C 165 -20.45 -2.82 -2.27
CA LEU C 165 -20.59 -3.06 -0.84
C LEU C 165 -21.82 -2.47 -0.16
N THR C 166 -22.65 -1.75 -0.91
CA THR C 166 -23.86 -1.17 -0.32
C THR C 166 -24.91 -2.25 -0.12
N PRO C 167 -25.55 -2.29 1.06
CA PRO C 167 -26.58 -3.30 1.28
C PRO C 167 -27.63 -3.18 0.17
N PRO C 168 -27.76 -4.22 -0.69
CA PRO C 168 -28.71 -4.23 -1.79
C PRO C 168 -30.04 -3.54 -1.53
N ASP C 169 -30.54 -3.66 -0.30
CA ASP C 169 -31.82 -3.05 0.05
C ASP C 169 -31.84 -1.53 -0.11
N HIS C 170 -30.72 -0.88 0.18
CA HIS C 170 -30.64 0.57 0.08
C HIS C 170 -30.61 1.08 -1.37
N LEU C 171 -30.55 0.14 -2.31
CA LEU C 171 -30.50 0.48 -3.73
C LEU C 171 -31.80 0.17 -4.44
N GLU C 172 -32.76 -0.41 -3.72
CA GLU C 172 -34.05 -0.81 -4.28
C GLU C 172 -34.88 0.30 -4.92
N LYS C 173 -34.86 1.48 -4.32
CA LYS C 173 -35.65 2.58 -4.84
C LYS C 173 -34.89 3.65 -5.63
N THR C 174 -33.65 3.32 -6.01
CA THR C 174 -32.84 4.22 -6.82
C THR C 174 -33.18 3.77 -8.23
N ASP C 175 -32.66 4.44 -9.25
CA ASP C 175 -32.97 4.02 -10.62
C ASP C 175 -31.99 2.99 -11.16
N ILE C 176 -31.36 2.26 -10.25
CA ILE C 176 -30.42 1.23 -10.65
C ILE C 176 -31.25 0.23 -11.43
N THR C 177 -30.64 -0.45 -12.40
CA THR C 177 -31.35 -1.43 -13.21
C THR C 177 -31.77 -2.61 -12.35
N GLU C 178 -32.96 -3.15 -12.63
CA GLU C 178 -33.48 -4.28 -11.87
C GLU C 178 -32.60 -5.50 -12.09
N ALA C 179 -31.95 -5.55 -13.25
CA ALA C 179 -31.06 -6.66 -13.56
C ALA C 179 -29.79 -6.60 -12.72
N ALA C 180 -29.22 -5.41 -12.61
CA ALA C 180 -27.99 -5.21 -11.85
C ALA C 180 -28.29 -5.38 -10.37
N LEU C 181 -29.37 -4.76 -9.90
CA LEU C 181 -29.74 -4.87 -8.50
C LEU C 181 -29.96 -6.33 -8.16
N GLY C 182 -30.49 -7.08 -9.11
CA GLY C 182 -30.75 -8.50 -8.91
C GLY C 182 -29.50 -9.32 -8.68
N ALA C 183 -28.45 -9.02 -9.45
CA ALA C 183 -27.19 -9.74 -9.32
C ALA C 183 -26.51 -9.29 -8.04
N LEU C 184 -26.78 -8.06 -7.63
CA LEU C 184 -26.21 -7.51 -6.41
C LEU C 184 -26.83 -8.17 -5.17
N ARG C 185 -28.04 -8.67 -5.32
CA ARG C 185 -28.72 -9.31 -4.20
C ARG C 185 -28.07 -10.67 -3.94
N GLN C 186 -27.59 -11.31 -5.00
CA GLN C 186 -26.95 -12.62 -4.89
C GLN C 186 -25.43 -12.54 -4.72
N SER C 187 -24.90 -11.31 -4.81
CA SER C 187 -23.47 -11.06 -4.69
C SER C 187 -22.88 -11.54 -3.39
N ARG C 188 -21.76 -12.27 -3.49
CA ARG C 188 -21.08 -12.79 -2.31
C ARG C 188 -19.81 -12.00 -2.05
N VAL C 189 -19.67 -10.84 -2.70
CA VAL C 189 -18.50 -9.97 -2.52
C VAL C 189 -18.55 -9.34 -1.13
N LYS C 190 -17.46 -9.48 -0.39
CA LYS C 190 -17.39 -8.95 0.97
C LYS C 190 -16.21 -7.98 1.16
N THR C 191 -15.19 -8.13 0.32
CA THR C 191 -14.01 -7.29 0.41
C THR C 191 -13.70 -6.59 -0.90
N VAL C 192 -13.37 -5.30 -0.82
CA VAL C 192 -13.01 -4.54 -2.02
C VAL C 192 -11.73 -3.75 -1.79
N TRP C 193 -10.71 -4.08 -2.56
CA TRP C 193 -9.42 -3.41 -2.46
C TRP C 193 -9.25 -2.37 -3.57
N ILE C 194 -8.91 -1.14 -3.19
CA ILE C 194 -8.70 -0.07 -4.15
C ILE C 194 -7.20 0.22 -4.18
N VAL C 195 -6.53 -0.27 -5.22
CA VAL C 195 -5.08 -0.14 -5.36
C VAL C 195 -4.56 0.96 -6.29
N GLY C 196 -3.57 1.70 -5.80
CA GLY C 196 -2.98 2.77 -6.59
C GLY C 196 -1.49 2.56 -6.75
N ARG C 197 -0.92 3.12 -7.82
CA ARG C 197 0.50 3.01 -8.12
C ARG C 197 1.32 3.85 -7.13
N ARG C 198 0.72 4.94 -6.68
CA ARG C 198 1.41 5.83 -5.77
C ARG C 198 0.87 5.89 -4.34
N GLY C 199 1.06 7.03 -3.67
CA GLY C 199 0.63 7.14 -2.29
C GLY C 199 -0.61 7.93 -1.95
N PRO C 200 -0.89 8.10 -0.64
CA PRO C 200 -2.03 8.82 -0.09
C PRO C 200 -2.19 10.23 -0.65
N LEU C 201 -1.08 10.94 -0.80
CA LEU C 201 -1.10 12.31 -1.31
C LEU C 201 -1.41 12.38 -2.79
N GLN C 202 -1.46 11.22 -3.47
CA GLN C 202 -1.76 11.19 -4.89
C GLN C 202 -3.16 10.66 -5.23
N VAL C 203 -3.95 10.29 -4.22
CA VAL C 203 -5.29 9.78 -4.47
C VAL C 203 -6.11 10.79 -5.29
N ALA C 204 -6.88 10.27 -6.25
CA ALA C 204 -7.68 11.13 -7.12
C ALA C 204 -9.13 11.33 -6.67
N PHE C 205 -9.61 10.56 -5.70
CA PHE C 205 -11.00 10.73 -5.25
C PHE C 205 -11.21 11.99 -4.40
N THR C 206 -12.47 12.42 -4.30
CA THR C 206 -12.80 13.63 -3.54
C THR C 206 -13.32 13.31 -2.15
N ILE C 207 -13.38 14.31 -1.28
CA ILE C 207 -13.83 14.09 0.09
C ILE C 207 -15.26 13.58 0.30
N LYS C 208 -16.21 14.04 -0.51
CA LYS C 208 -17.58 13.57 -0.35
C LYS C 208 -17.66 12.06 -0.54
N GLU C 209 -17.07 11.57 -1.63
CA GLU C 209 -17.06 10.15 -1.92
C GLU C 209 -16.35 9.35 -0.85
N LEU C 210 -15.23 9.86 -0.36
CA LEU C 210 -14.46 9.17 0.67
C LEU C 210 -15.32 9.06 1.93
N ARG C 211 -15.98 10.16 2.27
CA ARG C 211 -16.83 10.21 3.44
C ARG C 211 -17.98 9.20 3.35
N GLU C 212 -18.51 8.98 2.15
CA GLU C 212 -19.61 8.04 1.96
C GLU C 212 -19.12 6.60 2.15
N MET C 213 -17.87 6.38 1.75
CA MET C 213 -17.25 5.07 1.85
C MET C 213 -16.93 4.74 3.30
N ILE C 214 -16.46 5.73 4.05
CA ILE C 214 -16.12 5.57 5.46
C ILE C 214 -17.37 5.29 6.27
N GLN C 215 -18.48 5.89 5.87
CA GLN C 215 -19.74 5.75 6.58
C GLN C 215 -20.70 4.73 5.96
N LEU C 216 -20.23 3.98 4.96
CA LEU C 216 -21.07 2.99 4.30
C LEU C 216 -21.50 1.91 5.30
N PRO C 217 -22.82 1.77 5.53
CA PRO C 217 -23.40 0.78 6.45
C PRO C 217 -22.97 -0.66 6.20
N GLY C 218 -22.61 -1.36 7.29
CA GLY C 218 -22.22 -2.75 7.18
C GLY C 218 -20.79 -3.00 6.73
N THR C 219 -20.02 -1.92 6.57
CA THR C 219 -18.64 -2.04 6.15
C THR C 219 -17.68 -1.46 7.18
N ARG C 220 -16.43 -1.89 7.12
CA ARG C 220 -15.38 -1.39 8.01
C ARG C 220 -14.23 -1.01 7.08
N PRO C 221 -13.52 0.08 7.37
CA PRO C 221 -12.42 0.48 6.50
C PRO C 221 -11.11 -0.21 6.86
N MET C 222 -10.31 -0.51 5.84
CA MET C 222 -9.02 -1.16 6.05
C MET C 222 -7.88 -0.28 5.55
N LEU C 223 -7.42 0.63 6.42
CA LEU C 223 -6.34 1.54 6.09
C LEU C 223 -5.09 1.18 6.88
N ASP C 224 -3.95 1.13 6.20
CA ASP C 224 -2.68 0.79 6.84
C ASP C 224 -2.07 2.07 7.41
N PRO C 225 -1.95 2.14 8.75
CA PRO C 225 -1.37 3.31 9.40
C PRO C 225 0.06 3.64 8.97
N ALA C 226 0.81 2.63 8.54
CA ALA C 226 2.18 2.83 8.12
C ALA C 226 2.27 3.66 6.84
N ASP C 227 1.18 3.66 6.05
CA ASP C 227 1.15 4.40 4.79
C ASP C 227 1.10 5.92 5.01
N PHE C 228 0.57 6.34 6.15
CA PHE C 228 0.43 7.76 6.44
C PHE C 228 1.47 8.35 7.38
N LEU C 229 2.61 7.69 7.49
CA LEU C 229 3.68 8.17 8.36
C LEU C 229 4.45 9.28 7.68
N GLY C 230 4.72 10.35 8.44
CA GLY C 230 5.47 11.46 7.90
C GLY C 230 4.80 12.20 6.76
N LEU C 231 3.48 12.34 6.84
CA LEU C 231 2.74 13.06 5.81
C LEU C 231 2.10 14.27 6.45
N GLN C 232 2.17 14.33 7.78
CA GLN C 232 1.59 15.41 8.55
C GLN C 232 1.92 16.81 8.03
N ASP C 233 3.21 17.12 7.93
CA ASP C 233 3.64 18.43 7.45
C ASP C 233 3.12 18.78 6.07
N ARG C 234 3.31 17.88 5.11
CA ARG C 234 2.87 18.10 3.74
C ARG C 234 1.35 18.29 3.63
N ILE C 235 0.61 17.71 4.56
CA ILE C 235 -0.85 17.84 4.56
C ILE C 235 -1.25 19.23 5.07
N LYS C 236 -0.42 19.79 5.93
CA LYS C 236 -0.68 21.13 6.50
C LYS C 236 -0.30 22.19 5.46
N GLU C 237 0.32 21.76 4.37
CA GLU C 237 0.74 22.66 3.30
C GLU C 237 -0.05 22.45 2.02
N ALA C 238 -0.96 21.47 2.04
CA ALA C 238 -1.78 21.15 0.88
C ALA C 238 -2.83 22.23 0.60
N ALA C 239 -3.19 22.36 -0.67
CA ALA C 239 -4.19 23.35 -1.08
C ALA C 239 -5.51 23.06 -0.39
N ARG C 240 -6.44 24.00 -0.47
CA ARG C 240 -7.75 23.85 0.17
C ARG C 240 -8.48 22.56 -0.19
N PRO C 241 -8.58 22.22 -1.49
CA PRO C 241 -9.27 21.00 -1.91
C PRO C 241 -8.62 19.76 -1.31
N ARG C 242 -7.30 19.70 -1.43
CA ARG C 242 -6.50 18.59 -0.94
C ARG C 242 -6.53 18.44 0.57
N LYS C 243 -5.96 19.42 1.26
CA LYS C 243 -5.87 19.43 2.72
C LYS C 243 -7.00 18.74 3.45
N ARG C 244 -8.21 19.27 3.29
CA ARG C 244 -9.38 18.73 3.97
C ARG C 244 -9.60 17.24 3.69
N LEU C 245 -9.28 16.82 2.46
CA LEU C 245 -9.43 15.43 2.06
C LEU C 245 -8.40 14.57 2.78
N MET C 246 -7.14 14.99 2.71
CA MET C 246 -6.04 14.25 3.34
C MET C 246 -6.21 14.13 4.85
N GLU C 247 -6.71 15.20 5.47
CA GLU C 247 -6.93 15.20 6.91
C GLU C 247 -7.96 14.14 7.32
N LEU C 248 -9.00 14.00 6.53
CA LEU C 248 -10.04 13.01 6.80
C LEU C 248 -9.45 11.61 6.62
N LEU C 249 -8.69 11.42 5.54
CA LEU C 249 -8.07 10.13 5.25
C LEU C 249 -7.02 9.79 6.30
N LEU C 250 -6.21 10.78 6.66
CA LEU C 250 -5.15 10.60 7.64
C LEU C 250 -5.74 10.26 9.02
N ARG C 251 -6.81 10.96 9.38
CA ARG C 251 -7.46 10.75 10.67
C ARG C 251 -7.99 9.31 10.79
N THR C 252 -8.76 8.90 9.79
CA THR C 252 -9.35 7.56 9.76
C THR C 252 -8.33 6.42 9.77
N ALA C 253 -7.15 6.67 9.20
CA ALA C 253 -6.11 5.65 9.15
C ALA C 253 -5.17 5.62 10.35
N THR C 254 -5.09 6.73 11.09
CA THR C 254 -4.18 6.82 12.23
C THR C 254 -4.85 7.01 13.59
N GLU C 255 -6.15 7.28 13.60
CA GLU C 255 -6.87 7.51 14.83
C GLU C 255 -7.46 6.23 15.41
N LYS C 256 -7.27 6.05 16.71
CA LYS C 256 -7.78 4.90 17.44
C LYS C 256 -9.30 5.00 17.41
N PRO C 257 -9.98 4.04 16.77
CA PRO C 257 -11.44 4.09 16.71
C PRO C 257 -12.10 4.04 18.09
N GLY C 258 -13.19 4.80 18.24
CA GLY C 258 -13.89 4.83 19.51
C GLY C 258 -14.68 3.56 19.78
N VAL C 259 -15.23 3.46 20.99
CA VAL C 259 -16.00 2.29 21.39
C VAL C 259 -17.17 2.07 20.42
N GLU C 260 -17.77 3.16 19.98
CA GLU C 260 -18.88 3.11 19.04
C GLU C 260 -18.41 2.49 17.72
N GLU C 261 -17.34 3.06 17.16
CA GLU C 261 -16.77 2.61 15.90
C GLU C 261 -16.16 1.21 15.95
N ALA C 262 -15.33 0.95 16.96
CA ALA C 262 -14.69 -0.35 17.10
C ALA C 262 -15.74 -1.46 17.07
N ALA C 263 -16.83 -1.24 17.81
CA ALA C 263 -17.92 -2.20 17.88
C ALA C 263 -18.56 -2.41 16.52
N ARG C 264 -18.90 -1.31 15.85
CA ARG C 264 -19.52 -1.35 14.53
C ARG C 264 -18.64 -2.11 13.54
N ARG C 265 -17.35 -1.85 13.57
CA ARG C 265 -16.40 -2.51 12.68
C ARG C 265 -16.31 -4.01 12.94
N ALA C 266 -16.33 -4.40 14.21
CA ALA C 266 -16.24 -5.81 14.58
C ALA C 266 -17.50 -6.56 14.11
N SER C 267 -18.62 -5.84 13.98
CA SER C 267 -19.87 -6.46 13.54
C SER C 267 -20.07 -6.29 12.02
N ALA C 268 -19.16 -5.56 11.37
CA ALA C 268 -19.22 -5.31 9.94
C ALA C 268 -18.98 -6.56 9.08
N SER C 269 -19.93 -6.87 8.20
CA SER C 269 -19.85 -8.04 7.33
C SER C 269 -19.13 -7.78 6.00
N ARG C 270 -18.88 -6.50 5.70
CA ARG C 270 -18.19 -6.14 4.47
C ARG C 270 -17.03 -5.19 4.76
N ALA C 271 -16.01 -5.23 3.93
CA ALA C 271 -14.86 -4.36 4.14
C ALA C 271 -14.27 -3.80 2.85
N TRP C 272 -13.83 -2.55 2.92
CA TRP C 272 -13.19 -1.89 1.78
C TRP C 272 -11.85 -1.40 2.29
N GLY C 273 -10.84 -1.37 1.43
CA GLY C 273 -9.53 -0.92 1.85
C GLY C 273 -8.76 -0.25 0.73
N LEU C 274 -7.73 0.50 1.11
CA LEU C 274 -6.86 1.20 0.17
C LEU C 274 -5.44 0.65 0.20
N ARG C 275 -4.92 0.27 -0.96
CA ARG C 275 -3.56 -0.25 -1.07
C ARG C 275 -2.73 0.74 -1.88
N PHE C 276 -1.58 1.13 -1.36
CA PHE C 276 -0.72 2.08 -2.03
C PHE C 276 0.61 1.48 -2.52
N PHE C 277 1.29 2.21 -3.40
CA PHE C 277 2.58 1.79 -3.96
C PHE C 277 2.52 0.42 -4.64
N ARG C 278 1.49 0.21 -5.44
CA ARG C 278 1.31 -1.06 -6.13
C ARG C 278 0.79 -0.87 -7.57
N SER C 279 1.52 -1.36 -8.54
CA SER C 279 1.09 -1.25 -9.94
C SER C 279 0.81 -2.66 -10.47
N PRO C 280 -0.26 -2.82 -11.25
CA PRO C 280 -0.62 -4.14 -11.80
C PRO C 280 0.46 -4.71 -12.71
N GLN C 281 0.84 -5.95 -12.44
CA GLN C 281 1.87 -6.62 -13.23
C GLN C 281 1.31 -7.78 -14.02
N GLN C 282 0.35 -8.49 -13.43
CA GLN C 282 -0.21 -9.65 -14.10
C GLN C 282 -1.44 -10.19 -13.39
N VAL C 283 -2.46 -10.54 -14.17
CA VAL C 283 -3.67 -11.12 -13.62
C VAL C 283 -3.40 -12.63 -13.55
N LEU C 284 -3.57 -13.20 -12.35
CA LEU C 284 -3.32 -14.61 -12.13
C LEU C 284 -4.55 -15.46 -12.42
N PRO C 285 -4.39 -16.50 -13.24
CA PRO C 285 -5.47 -17.42 -13.62
C PRO C 285 -5.70 -18.53 -12.59
N SER C 286 -6.93 -19.04 -12.56
CA SER C 286 -7.28 -20.13 -11.66
C SER C 286 -6.66 -21.42 -12.21
N PRO C 287 -6.63 -22.49 -11.41
CA PRO C 287 -6.06 -23.77 -11.83
C PRO C 287 -6.51 -24.22 -13.23
N ASP C 288 -7.81 -24.18 -13.49
CA ASP C 288 -8.32 -24.58 -14.80
C ASP C 288 -8.02 -23.52 -15.87
N GLY C 289 -7.56 -22.35 -15.41
CA GLY C 289 -7.23 -21.27 -16.31
C GLY C 289 -8.42 -20.65 -17.02
N ARG C 290 -9.63 -20.93 -16.53
CA ARG C 290 -10.84 -20.42 -17.15
C ARG C 290 -11.25 -19.03 -16.65
N ARG C 291 -10.69 -18.60 -15.53
CA ARG C 291 -11.05 -17.30 -14.97
C ARG C 291 -9.92 -16.68 -14.15
N ALA C 292 -10.14 -15.43 -13.72
CA ALA C 292 -9.17 -14.70 -12.91
C ALA C 292 -9.26 -15.18 -11.47
N ALA C 293 -8.11 -15.51 -10.89
CA ALA C 293 -8.06 -16.00 -9.51
C ALA C 293 -7.32 -15.04 -8.60
N GLY C 294 -6.66 -14.05 -9.18
CA GLY C 294 -5.92 -13.09 -8.39
C GLY C 294 -5.09 -12.15 -9.26
N ILE C 295 -4.36 -11.25 -8.62
CA ILE C 295 -3.54 -10.32 -9.39
C ILE C 295 -2.17 -10.13 -8.75
N ARG C 296 -1.14 -10.07 -9.59
CA ARG C 296 0.22 -9.86 -9.11
C ARG C 296 0.52 -8.38 -9.26
N LEU C 297 0.90 -7.76 -8.15
CA LEU C 297 1.20 -6.34 -8.15
C LEU C 297 2.70 -6.16 -8.01
N ALA C 298 3.22 -5.07 -8.56
CA ALA C 298 4.63 -4.77 -8.45
C ALA C 298 4.77 -3.65 -7.42
N VAL C 299 5.63 -3.85 -6.42
CA VAL C 299 5.83 -2.83 -5.40
C VAL C 299 6.58 -1.65 -6.02
N THR C 300 6.22 -0.44 -5.62
CA THR C 300 6.87 0.76 -6.15
C THR C 300 7.17 1.80 -5.06
N ARG C 301 8.03 2.76 -5.40
CA ARG C 301 8.39 3.85 -4.49
C ARG C 301 8.38 5.12 -5.32
N LEU C 302 8.22 6.27 -4.66
CA LEU C 302 8.17 7.55 -5.35
C LEU C 302 9.53 8.12 -5.76
N GLU C 303 9.56 8.70 -6.96
CA GLU C 303 10.77 9.32 -7.52
C GLU C 303 10.49 10.78 -7.86
N GLY C 304 10.95 11.68 -7.00
CA GLY C 304 10.74 13.10 -7.25
C GLY C 304 9.84 13.72 -6.20
N ILE C 305 9.55 15.00 -6.36
CA ILE C 305 8.70 15.72 -5.41
C ILE C 305 7.55 16.41 -6.15
N GLY C 306 6.60 16.95 -5.39
CA GLY C 306 5.47 17.65 -5.97
C GLY C 306 4.65 16.81 -6.93
N GLU C 307 4.29 17.40 -8.07
CA GLU C 307 3.50 16.71 -9.09
C GLU C 307 4.41 15.91 -10.03
N ALA C 308 5.71 16.14 -9.92
CA ALA C 308 6.70 15.45 -10.74
C ALA C 308 6.99 14.08 -10.14
N THR C 309 6.28 13.76 -9.06
CA THR C 309 6.44 12.49 -8.36
C THR C 309 5.93 11.31 -9.17
N ARG C 310 6.73 10.26 -9.28
CA ARG C 310 6.35 9.07 -10.03
C ARG C 310 6.67 7.77 -9.29
N ALA C 311 5.96 6.71 -9.65
CA ALA C 311 6.16 5.41 -9.03
C ALA C 311 7.16 4.57 -9.81
N VAL C 312 8.19 4.08 -9.11
CA VAL C 312 9.22 3.25 -9.71
C VAL C 312 9.29 1.90 -9.00
N PRO C 313 9.20 0.80 -9.76
CA PRO C 313 9.26 -0.53 -9.15
C PRO C 313 10.53 -0.73 -8.31
N THR C 314 10.39 -1.47 -7.22
CA THR C 314 11.51 -1.74 -6.32
C THR C 314 12.12 -3.09 -6.67
N GLY C 315 11.31 -3.95 -7.26
CA GLY C 315 11.77 -5.28 -7.61
C GLY C 315 10.90 -6.31 -6.91
N ASP C 316 10.21 -5.86 -5.86
CA ASP C 316 9.35 -6.74 -5.10
C ASP C 316 7.98 -6.84 -5.76
N VAL C 317 7.26 -7.93 -5.44
CA VAL C 317 5.94 -8.18 -5.99
C VAL C 317 5.00 -8.56 -4.85
N GLU C 318 3.71 -8.67 -5.17
CA GLU C 318 2.72 -9.06 -4.17
C GLU C 318 1.56 -9.70 -4.90
N ASP C 319 1.21 -10.90 -4.46
CA ASP C 319 0.09 -11.63 -5.03
C ASP C 319 -1.14 -11.34 -4.18
N LEU C 320 -2.21 -10.88 -4.82
CA LEU C 320 -3.45 -10.56 -4.12
C LEU C 320 -4.58 -11.35 -4.78
N PRO C 321 -5.08 -12.38 -4.08
CA PRO C 321 -6.18 -13.24 -4.57
C PRO C 321 -7.52 -12.50 -4.69
N CYS C 322 -8.28 -12.85 -5.72
CA CYS C 322 -9.59 -12.25 -5.96
C CYS C 322 -10.24 -12.94 -7.16
N GLY C 323 -11.54 -12.74 -7.32
CA GLY C 323 -12.24 -13.34 -8.44
C GLY C 323 -12.83 -12.27 -9.34
N LEU C 324 -12.58 -11.02 -8.98
CA LEU C 324 -13.09 -9.89 -9.74
C LEU C 324 -12.05 -8.78 -9.78
N VAL C 325 -11.61 -8.43 -10.99
CA VAL C 325 -10.60 -7.37 -11.17
C VAL C 325 -11.15 -6.24 -12.05
N LEU C 326 -11.23 -5.04 -11.49
CA LEU C 326 -11.74 -3.88 -12.21
C LEU C 326 -10.67 -2.82 -12.46
N SER C 327 -10.51 -2.42 -13.72
CA SER C 327 -9.54 -1.41 -14.10
C SER C 327 -10.23 -0.05 -14.18
N SER C 328 -9.79 0.89 -13.35
CA SER C 328 -10.36 2.24 -13.36
C SER C 328 -9.24 3.26 -13.39
N ILE C 329 -8.63 3.42 -14.56
CA ILE C 329 -7.53 4.33 -14.74
C ILE C 329 -7.35 4.56 -16.25
N GLY C 330 -6.92 5.76 -16.62
CA GLY C 330 -6.72 6.09 -18.02
C GLY C 330 -7.94 5.82 -18.90
N TYR C 331 -8.80 6.83 -19.00
CA TYR C 331 -10.01 6.72 -19.81
C TYR C 331 -10.06 7.80 -20.88
N LYS C 332 -8.99 7.89 -21.66
CA LYS C 332 -8.87 8.89 -22.72
C LYS C 332 -9.97 8.89 -23.78
N SER C 333 -9.90 9.86 -24.69
CA SER C 333 -10.88 10.02 -25.76
C SER C 333 -10.27 9.67 -27.11
N ARG C 334 -10.70 8.57 -27.72
CA ARG C 334 -10.15 8.18 -29.03
C ARG C 334 -10.47 9.23 -30.09
N PRO C 335 -9.69 9.24 -31.18
CA PRO C 335 -9.92 10.21 -32.28
C PRO C 335 -11.20 9.83 -33.01
N ILE C 336 -12.26 10.57 -32.74
CA ILE C 336 -13.57 10.33 -33.35
C ILE C 336 -13.52 10.30 -34.87
N ASP C 337 -12.64 11.11 -35.44
CA ASP C 337 -12.54 11.22 -36.88
C ASP C 337 -11.09 11.42 -37.30
N PRO C 338 -10.66 10.74 -38.37
CA PRO C 338 -9.26 10.90 -38.81
C PRO C 338 -9.05 12.33 -39.31
N SER C 339 -10.15 13.07 -39.37
CA SER C 339 -10.14 14.47 -39.81
C SER C 339 -9.86 15.37 -38.61
N VAL C 340 -10.01 14.82 -37.42
CA VAL C 340 -9.78 15.55 -36.19
C VAL C 340 -8.41 15.23 -35.60
N PRO C 341 -7.62 16.26 -35.29
CA PRO C 341 -6.30 16.02 -34.72
C PRO C 341 -6.42 15.38 -33.33
N PHE C 342 -5.38 14.70 -32.90
CA PHE C 342 -5.42 14.06 -31.60
C PHE C 342 -4.05 14.04 -30.93
N ASP C 343 -4.04 14.18 -29.61
CA ASP C 343 -2.81 14.18 -28.84
C ASP C 343 -2.74 12.91 -28.01
N PRO C 344 -2.11 11.85 -28.55
CA PRO C 344 -1.97 10.55 -27.87
C PRO C 344 -1.40 10.68 -26.46
N LYS C 345 -0.47 11.61 -26.30
CA LYS C 345 0.18 11.88 -25.01
C LYS C 345 -0.89 12.16 -23.94
N LEU C 346 -1.60 13.27 -24.09
CA LEU C 346 -2.65 13.68 -23.15
C LEU C 346 -3.99 12.98 -23.40
N GLY C 347 -4.09 12.24 -24.49
CA GLY C 347 -5.33 11.55 -24.80
C GLY C 347 -6.48 12.54 -24.91
N VAL C 348 -6.17 13.70 -25.48
CA VAL C 348 -7.15 14.76 -25.64
C VAL C 348 -7.10 15.31 -27.06
N VAL C 349 -8.06 16.14 -27.43
CA VAL C 349 -8.05 16.74 -28.76
C VAL C 349 -7.24 18.03 -28.65
N PRO C 350 -6.12 18.13 -29.38
CA PRO C 350 -5.24 19.30 -29.37
C PRO C 350 -6.05 20.59 -29.45
N ASN C 351 -5.90 21.45 -28.45
CA ASN C 351 -6.66 22.69 -28.46
C ASN C 351 -6.03 23.78 -27.61
N MET C 352 -6.40 25.02 -27.91
CA MET C 352 -5.92 26.17 -27.17
C MET C 352 -7.12 27.03 -26.83
N GLU C 353 -7.54 26.96 -25.57
CA GLU C 353 -8.69 27.71 -25.08
C GLU C 353 -9.98 27.29 -25.77
N GLY C 354 -10.03 26.01 -26.17
CA GLY C 354 -11.22 25.49 -26.82
C GLY C 354 -11.14 25.41 -28.33
N ARG C 355 -10.12 26.03 -28.92
CA ARG C 355 -9.93 26.01 -30.36
C ARG C 355 -9.05 24.83 -30.75
N VAL C 356 -9.59 23.91 -31.52
CA VAL C 356 -8.82 22.74 -31.95
C VAL C 356 -7.64 23.26 -32.75
N VAL C 357 -6.44 22.80 -32.37
CA VAL C 357 -5.21 23.23 -33.02
C VAL C 357 -5.16 23.00 -34.53
N ASP C 358 -5.06 24.12 -35.26
CA ASP C 358 -4.96 24.15 -36.71
C ASP C 358 -6.25 23.86 -37.48
N VAL C 359 -7.40 24.09 -36.85
CA VAL C 359 -8.67 23.86 -37.52
C VAL C 359 -9.73 24.91 -37.16
N PRO C 360 -9.73 26.04 -37.89
CA PRO C 360 -10.68 27.14 -37.68
C PRO C 360 -12.13 26.67 -37.74
N GLY C 361 -12.96 27.18 -36.85
CA GLY C 361 -14.36 26.79 -36.84
C GLY C 361 -14.63 25.55 -36.01
N LEU C 362 -13.57 24.85 -35.62
CA LEU C 362 -13.71 23.64 -34.83
C LEU C 362 -13.28 23.92 -33.39
N TYR C 363 -14.16 23.61 -32.45
CA TYR C 363 -13.90 23.82 -31.03
C TYR C 363 -14.14 22.53 -30.27
N CYS C 364 -13.89 22.57 -28.97
CA CYS C 364 -14.10 21.40 -28.12
C CYS C 364 -14.33 21.86 -26.69
N SER C 365 -15.00 21.03 -25.92
CA SER C 365 -15.29 21.33 -24.51
C SER C 365 -15.52 20.03 -23.73
N GLY C 366 -15.40 20.12 -22.41
CA GLY C 366 -15.59 18.94 -21.58
C GLY C 366 -14.37 18.03 -21.53
N TRP C 367 -14.60 16.77 -21.17
CA TRP C 367 -13.53 15.79 -21.05
C TRP C 367 -12.66 15.59 -22.29
N VAL C 368 -13.25 15.77 -23.47
CA VAL C 368 -12.49 15.60 -24.71
C VAL C 368 -11.48 16.74 -24.86
N LYS C 369 -11.71 17.82 -24.12
CA LYS C 369 -10.85 19.00 -24.17
C LYS C 369 -9.85 19.09 -23.01
N ARG C 370 -10.29 18.73 -21.82
CA ARG C 370 -9.45 18.82 -20.63
C ARG C 370 -8.90 17.51 -20.08
N GLY C 371 -9.53 16.40 -20.43
CA GLY C 371 -9.08 15.12 -19.92
C GLY C 371 -10.16 14.65 -18.96
N PRO C 372 -10.29 13.34 -18.73
CA PRO C 372 -11.31 12.77 -17.84
C PRO C 372 -11.02 12.85 -16.35
N THR C 373 -11.23 14.01 -15.74
CA THR C 373 -10.99 14.17 -14.31
C THR C 373 -11.92 15.14 -13.61
N GLY C 374 -12.47 16.09 -14.36
CA GLY C 374 -13.32 17.11 -13.75
C GLY C 374 -14.78 16.80 -13.45
N VAL C 375 -15.27 17.33 -12.33
CA VAL C 375 -16.65 17.15 -11.93
C VAL C 375 -17.54 17.96 -12.87
N ILE C 376 -18.85 17.80 -12.74
CA ILE C 376 -19.77 18.51 -13.63
C ILE C 376 -19.60 20.03 -13.60
N THR C 377 -19.40 20.60 -12.42
CA THR C 377 -19.22 22.05 -12.31
C THR C 377 -17.98 22.47 -13.10
N THR C 378 -16.93 21.65 -13.07
CA THR C 378 -15.71 21.95 -13.80
C THR C 378 -15.98 21.86 -15.29
N THR C 379 -16.76 20.85 -15.68
CA THR C 379 -17.09 20.64 -17.09
C THR C 379 -17.93 21.81 -17.57
N MET C 380 -18.82 22.28 -16.72
CA MET C 380 -19.69 23.40 -17.04
C MET C 380 -18.88 24.68 -17.27
N THR C 381 -17.99 24.99 -16.34
CA THR C 381 -17.17 26.19 -16.46
C THR C 381 -16.35 26.14 -17.75
N ASP C 382 -15.85 24.96 -18.08
CA ASP C 382 -15.05 24.77 -19.29
C ASP C 382 -15.89 24.96 -20.55
N SER C 383 -17.11 24.43 -20.53
CA SER C 383 -18.02 24.53 -21.66
C SER C 383 -18.41 25.98 -21.90
N PHE C 384 -18.57 26.74 -20.81
CA PHE C 384 -18.94 28.14 -20.90
C PHE C 384 -17.82 28.98 -21.50
N LEU C 385 -16.58 28.67 -21.14
CA LEU C 385 -15.41 29.39 -21.65
C LEU C 385 -15.21 29.13 -23.14
N THR C 386 -15.62 27.94 -23.59
CA THR C 386 -15.50 27.58 -25.00
C THR C 386 -16.62 28.29 -25.78
N GLY C 387 -17.82 28.24 -25.24
CA GLY C 387 -18.94 28.89 -25.89
C GLY C 387 -18.67 30.37 -26.02
N GLN C 388 -17.99 30.92 -25.01
CA GLN C 388 -17.67 32.34 -24.98
C GLN C 388 -16.68 32.75 -26.08
N ILE C 389 -15.63 31.97 -26.24
CA ILE C 389 -14.62 32.28 -27.25
C ILE C 389 -15.17 32.00 -28.65
N LEU C 390 -16.12 31.07 -28.74
CA LEU C 390 -16.73 30.73 -30.01
C LEU C 390 -17.58 31.91 -30.48
N LEU C 391 -18.30 32.53 -29.56
CA LEU C 391 -19.14 33.67 -29.90
C LEU C 391 -18.31 34.93 -30.17
N GLN C 392 -17.11 34.98 -29.60
CA GLN C 392 -16.21 36.10 -29.82
C GLN C 392 -15.62 35.97 -31.23
N ASP C 393 -15.39 34.73 -31.65
CA ASP C 393 -14.85 34.44 -32.98
C ASP C 393 -15.93 34.67 -34.03
N LEU C 394 -17.16 34.33 -33.68
CA LEU C 394 -18.29 34.50 -34.58
C LEU C 394 -18.48 35.99 -34.85
N LYS C 395 -18.34 36.79 -33.80
CA LYS C 395 -18.50 38.23 -33.88
C LYS C 395 -17.30 38.94 -34.52
N ALA C 396 -16.16 38.25 -34.56
CA ALA C 396 -14.94 38.82 -35.14
C ALA C 396 -14.64 38.32 -36.56
N GLY C 397 -15.63 37.72 -37.20
CA GLY C 397 -15.47 37.24 -38.56
C GLY C 397 -14.58 36.03 -38.76
N HIS C 398 -14.35 35.26 -37.70
CA HIS C 398 -13.51 34.07 -37.81
C HIS C 398 -14.21 32.98 -38.60
N LEU C 399 -15.54 32.91 -38.44
CA LEU C 399 -16.35 31.89 -39.10
C LEU C 399 -16.79 32.23 -40.51
N PRO C 400 -16.95 31.21 -41.36
CA PRO C 400 -17.37 31.42 -42.75
C PRO C 400 -18.54 32.37 -42.86
N SER C 401 -18.45 33.32 -43.79
CA SER C 401 -19.55 34.25 -44.01
C SER C 401 -20.44 33.51 -44.99
N GLY C 402 -21.71 33.88 -45.06
CA GLY C 402 -22.59 33.18 -45.98
C GLY C 402 -23.40 32.15 -45.21
N PRO C 403 -24.62 31.86 -45.65
CA PRO C 403 -25.50 30.88 -44.99
C PRO C 403 -25.02 29.45 -45.02
N ARG C 404 -25.43 28.68 -44.01
CA ARG C 404 -25.08 27.27 -43.91
C ARG C 404 -26.40 26.52 -43.74
N PRO C 405 -26.55 25.39 -44.45
CA PRO C 405 -27.76 24.57 -44.38
C PRO C 405 -28.04 23.96 -43.02
N GLY C 406 -26.99 23.60 -42.30
CA GLY C 406 -27.16 23.00 -40.99
C GLY C 406 -27.76 21.61 -41.08
N SER C 407 -28.75 21.34 -40.23
CA SER C 407 -29.40 20.03 -40.20
C SER C 407 -30.19 19.72 -41.47
N ALA C 408 -30.62 20.76 -42.17
CA ALA C 408 -31.37 20.60 -43.40
C ALA C 408 -30.60 19.67 -44.34
N PHE C 409 -29.29 19.86 -44.40
CA PHE C 409 -28.45 19.04 -45.26
C PHE C 409 -28.01 17.73 -44.59
N ILE C 410 -27.68 17.81 -43.30
CA ILE C 410 -27.23 16.64 -42.56
C ILE C 410 -28.33 15.59 -42.35
N LYS C 411 -29.57 16.05 -42.20
CA LYS C 411 -30.69 15.15 -42.03
C LYS C 411 -30.84 14.26 -43.25
N ALA C 412 -30.73 14.88 -44.43
CA ALA C 412 -30.85 14.18 -45.70
C ALA C 412 -29.68 13.22 -45.89
N LEU C 413 -28.49 13.71 -45.58
CA LEU C 413 -27.26 12.93 -45.70
C LEU C 413 -27.42 11.67 -44.84
N LEU C 414 -27.92 11.85 -43.63
CA LEU C 414 -28.13 10.74 -42.71
C LEU C 414 -29.18 9.76 -43.22
N ASP C 415 -30.25 10.29 -43.82
CA ASP C 415 -31.33 9.44 -44.35
C ASP C 415 -30.82 8.49 -45.41
N SER C 416 -30.00 9.03 -46.32
CA SER C 416 -29.43 8.26 -47.41
C SER C 416 -28.46 7.19 -46.92
N ARG C 417 -28.05 7.28 -45.66
CA ARG C 417 -27.13 6.30 -45.08
C ARG C 417 -27.87 5.32 -44.17
N GLY C 418 -29.18 5.47 -44.11
CA GLY C 418 -30.01 4.60 -43.30
C GLY C 418 -30.03 4.93 -41.82
N VAL C 419 -29.60 6.15 -41.48
CA VAL C 419 -29.58 6.58 -40.09
C VAL C 419 -30.80 7.41 -39.72
N TRP C 420 -31.62 6.86 -38.82
CA TRP C 420 -32.84 7.53 -38.37
C TRP C 420 -32.59 8.20 -37.01
N PRO C 421 -32.33 9.52 -37.01
CA PRO C 421 -32.06 10.25 -35.77
C PRO C 421 -33.22 10.25 -34.79
N VAL C 422 -32.88 10.33 -33.50
CA VAL C 422 -33.87 10.36 -32.43
C VAL C 422 -33.92 11.81 -31.92
N SER C 423 -35.09 12.44 -31.99
CA SER C 423 -35.25 13.81 -31.53
C SER C 423 -35.45 13.88 -30.02
N PHE C 424 -35.47 15.09 -29.46
CA PHE C 424 -35.67 15.22 -28.03
C PHE C 424 -37.11 14.88 -27.71
N SER C 425 -38.02 15.18 -28.64
CA SER C 425 -39.43 14.86 -28.42
C SER C 425 -39.58 13.34 -28.36
N ASP C 426 -38.73 12.62 -29.10
CA ASP C 426 -38.76 11.16 -29.10
C ASP C 426 -38.27 10.70 -27.73
N TRP C 427 -37.23 11.34 -27.22
CA TRP C 427 -36.69 11.01 -25.90
C TRP C 427 -37.75 11.23 -24.82
N GLU C 428 -38.54 12.29 -24.97
CA GLU C 428 -39.60 12.58 -24.01
C GLU C 428 -40.55 11.38 -23.89
N LYS C 429 -40.74 10.68 -25.02
CA LYS C 429 -41.60 9.51 -25.05
C LYS C 429 -40.96 8.37 -24.25
N LEU C 430 -39.67 8.18 -24.45
CA LEU C 430 -38.93 7.15 -23.73
C LEU C 430 -38.88 7.51 -22.26
N ASP C 431 -38.66 8.79 -21.98
CA ASP C 431 -38.58 9.27 -20.61
C ASP C 431 -39.83 8.89 -19.84
N ALA C 432 -40.99 9.23 -20.39
CA ALA C 432 -42.27 8.92 -19.75
C ALA C 432 -42.44 7.42 -19.53
N GLU C 433 -42.08 6.63 -20.54
CA GLU C 433 -42.18 5.19 -20.47
C GLU C 433 -41.35 4.62 -19.31
N GLU C 434 -40.11 5.10 -19.17
CA GLU C 434 -39.24 4.64 -18.10
C GLU C 434 -39.77 5.02 -16.72
N VAL C 435 -40.24 6.26 -16.59
CA VAL C 435 -40.78 6.73 -15.31
C VAL C 435 -41.96 5.87 -14.88
N SER C 436 -42.82 5.53 -15.83
CA SER C 436 -44.00 4.71 -15.57
C SER C 436 -43.59 3.32 -15.09
N ARG C 437 -42.67 2.69 -15.81
CA ARG C 437 -42.20 1.35 -15.47
C ARG C 437 -41.43 1.34 -14.15
N GLY C 438 -41.45 2.45 -13.44
CA GLY C 438 -40.75 2.54 -12.18
C GLY C 438 -41.68 2.76 -11.00
N GLN C 439 -42.85 3.32 -11.27
CA GLN C 439 -43.84 3.60 -10.23
C GLN C 439 -44.23 2.35 -9.45
N ALA C 440 -44.52 1.28 -10.18
CA ALA C 440 -44.92 0.02 -9.55
C ALA C 440 -43.92 -0.42 -8.48
N SER C 441 -42.64 -0.15 -8.72
CA SER C 441 -41.57 -0.53 -7.81
C SER C 441 -41.07 0.57 -6.88
N GLY C 442 -41.57 1.79 -7.05
CA GLY C 442 -41.15 2.90 -6.22
C GLY C 442 -39.83 3.52 -6.63
N LYS C 443 -39.37 3.20 -7.83
CA LYS C 443 -38.11 3.73 -8.35
C LYS C 443 -38.41 4.95 -9.21
N PRO C 444 -37.41 5.83 -9.43
CA PRO C 444 -37.63 7.02 -10.25
C PRO C 444 -37.95 6.64 -11.69
N ARG C 445 -37.48 5.45 -12.07
CA ARG C 445 -37.70 4.95 -13.41
C ARG C 445 -37.02 3.60 -13.56
N GLU C 446 -37.37 2.88 -14.62
CA GLU C 446 -36.75 1.61 -14.93
C GLU C 446 -36.31 1.77 -16.37
N LYS C 447 -35.03 2.09 -16.54
CA LYS C 447 -34.42 2.29 -17.84
C LYS C 447 -34.66 1.19 -18.86
N LEU C 448 -34.88 1.60 -20.10
CA LEU C 448 -35.06 0.66 -21.20
C LEU C 448 -33.63 0.31 -21.59
N LEU C 449 -33.30 -0.98 -21.66
CA LEU C 449 -31.95 -1.38 -22.00
C LEU C 449 -31.81 -1.93 -23.41
N ASP C 450 -32.90 -2.49 -23.94
CA ASP C 450 -32.90 -3.04 -25.29
C ASP C 450 -33.16 -1.95 -26.33
N PRO C 451 -32.15 -1.62 -27.15
CA PRO C 451 -32.26 -0.58 -28.18
C PRO C 451 -33.45 -0.81 -29.11
N GLN C 452 -33.78 -2.08 -29.35
CA GLN C 452 -34.87 -2.45 -30.22
C GLN C 452 -36.23 -2.05 -29.65
N GLU C 453 -36.44 -2.33 -28.37
CA GLU C 453 -37.70 -1.98 -27.72
C GLU C 453 -37.82 -0.48 -27.57
N MET C 454 -36.68 0.21 -27.59
CA MET C 454 -36.67 1.67 -27.46
C MET C 454 -37.15 2.27 -28.77
N LEU C 455 -36.52 1.85 -29.87
CA LEU C 455 -36.90 2.33 -31.20
C LEU C 455 -38.36 1.99 -31.47
N ARG C 456 -38.77 0.80 -31.04
CA ARG C 456 -40.14 0.33 -31.21
C ARG C 456 -41.15 1.31 -30.60
N LEU C 457 -40.81 1.82 -29.42
CA LEU C 457 -41.66 2.77 -28.70
C LEU C 457 -41.74 4.13 -29.39
N LEU C 458 -40.77 4.41 -30.24
CA LEU C 458 -40.73 5.68 -30.95
C LEU C 458 -41.31 5.54 -32.36
N GLY C 459 -41.78 4.34 -32.69
CA GLY C 459 -42.33 4.11 -34.00
C GLY C 459 -41.24 3.92 -35.02
N HIS C 460 -39.99 3.99 -34.56
CA HIS C 460 -38.82 3.82 -35.42
C HIS C 460 -38.69 2.35 -35.82
N ASP D 5 -41.52 39.97 -1.34
CA ASP D 5 -40.17 40.54 -1.63
C ASP D 5 -39.84 41.71 -0.73
N LYS D 6 -39.29 41.43 0.45
CA LYS D 6 -38.97 42.48 1.41
C LYS D 6 -37.57 43.09 1.27
N ILE D 7 -36.55 42.28 0.94
CA ILE D 7 -35.19 42.83 0.80
C ILE D 7 -34.62 42.80 -0.62
N THR D 8 -33.65 43.68 -0.87
CA THR D 8 -33.01 43.79 -2.16
C THR D 8 -31.62 43.16 -2.17
N VAL D 9 -31.31 42.42 -3.24
CA VAL D 9 -30.02 41.78 -3.38
C VAL D 9 -29.43 42.08 -4.74
N HIS D 10 -28.17 42.53 -4.73
CA HIS D 10 -27.46 42.85 -5.96
C HIS D 10 -26.48 41.73 -6.27
N PHE D 11 -26.66 41.11 -7.44
CA PHE D 11 -25.79 40.02 -7.87
C PHE D 11 -24.84 40.54 -8.96
N ILE D 12 -23.54 40.31 -8.79
CA ILE D 12 -22.58 40.73 -9.79
C ILE D 12 -22.31 39.54 -10.74
N ASN D 13 -23.11 39.50 -11.79
CA ASN D 13 -23.09 38.47 -12.83
C ASN D 13 -21.70 37.99 -13.27
N ARG D 14 -21.67 36.82 -13.92
CA ARG D 14 -20.43 36.18 -14.38
C ARG D 14 -19.45 37.12 -15.08
N ASP D 15 -19.95 38.22 -15.65
CA ASP D 15 -19.07 39.17 -16.31
C ASP D 15 -19.42 40.64 -16.03
N GLY D 16 -19.00 41.10 -14.85
CA GLY D 16 -19.21 42.48 -14.45
C GLY D 16 -20.63 42.96 -14.20
N GLU D 17 -21.57 42.55 -15.05
CA GLU D 17 -22.97 42.96 -14.93
C GLU D 17 -23.53 42.92 -13.51
N THR D 18 -24.40 43.88 -13.20
CA THR D 18 -25.04 43.96 -11.88
C THR D 18 -26.53 43.73 -12.00
N LEU D 19 -26.99 42.59 -11.48
CA LEU D 19 -28.40 42.25 -11.53
C LEU D 19 -28.99 42.52 -10.14
N THR D 20 -30.06 43.31 -10.10
CA THR D 20 -30.71 43.63 -8.85
C THR D 20 -32.11 43.05 -8.83
N THR D 21 -32.50 42.46 -7.71
CA THR D 21 -33.81 41.85 -7.57
C THR D 21 -34.20 41.82 -6.10
N LYS D 22 -35.38 41.29 -5.80
CA LYS D 22 -35.85 41.22 -4.42
C LYS D 22 -36.32 39.83 -4.01
N GLY D 23 -36.26 39.56 -2.71
CA GLY D 23 -36.69 38.28 -2.18
C GLY D 23 -37.08 38.47 -0.72
N LYS D 24 -37.98 37.63 -0.23
CA LYS D 24 -38.42 37.73 1.16
C LYS D 24 -37.48 36.99 2.11
N ILE D 25 -37.56 37.34 3.38
CA ILE D 25 -36.73 36.70 4.40
C ILE D 25 -36.99 35.19 4.39
N GLY D 26 -35.92 34.41 4.57
CA GLY D 26 -36.07 32.97 4.59
C GLY D 26 -35.65 32.28 3.30
N ASP D 27 -35.96 32.90 2.16
CA ASP D 27 -35.60 32.33 0.87
C ASP D 27 -34.09 32.19 0.73
N SER D 28 -33.64 31.12 0.10
CA SER D 28 -32.20 30.92 -0.10
C SER D 28 -31.84 31.76 -1.32
N LEU D 29 -30.56 32.04 -1.49
CA LEU D 29 -30.13 32.84 -2.64
C LEU D 29 -30.36 32.12 -3.96
N LEU D 30 -30.56 30.81 -3.90
CA LEU D 30 -30.80 30.06 -5.13
C LEU D 30 -32.23 30.32 -5.59
N ASP D 31 -33.15 30.46 -4.64
CA ASP D 31 -34.54 30.75 -4.97
C ASP D 31 -34.64 32.15 -5.54
N VAL D 32 -33.89 33.08 -4.94
CA VAL D 32 -33.88 34.45 -5.41
C VAL D 32 -33.46 34.47 -6.87
N VAL D 33 -32.36 33.79 -7.18
CA VAL D 33 -31.86 33.74 -8.55
C VAL D 33 -32.86 33.06 -9.47
N VAL D 34 -33.36 31.91 -9.06
CA VAL D 34 -34.29 31.15 -9.86
C VAL D 34 -35.69 31.74 -9.99
N GLN D 35 -36.36 31.98 -8.86
CA GLN D 35 -37.70 32.54 -8.89
C GLN D 35 -37.79 33.87 -9.64
N ASN D 36 -36.66 34.58 -9.76
CA ASN D 36 -36.62 35.86 -10.44
C ASN D 36 -36.01 35.76 -11.85
N ASN D 37 -35.72 34.53 -12.27
CA ASN D 37 -35.14 34.29 -13.59
C ASN D 37 -33.91 35.15 -13.92
N LEU D 38 -32.98 35.24 -12.96
CA LEU D 38 -31.77 36.01 -13.18
C LEU D 38 -30.84 35.22 -14.09
N ASP D 39 -30.28 35.91 -15.08
CA ASP D 39 -29.37 35.27 -16.02
C ASP D 39 -27.98 35.13 -15.42
N ILE D 40 -27.83 34.12 -14.56
CA ILE D 40 -26.55 33.83 -13.92
C ILE D 40 -26.18 32.44 -14.41
N ASP D 41 -25.21 32.40 -15.32
CA ASP D 41 -24.73 31.17 -15.95
C ASP D 41 -24.71 29.90 -15.10
N GLY D 42 -25.53 28.94 -15.51
CA GLY D 42 -25.63 27.64 -14.84
C GLY D 42 -25.59 27.63 -13.32
N PHE D 43 -26.29 28.57 -12.72
CA PHE D 43 -26.35 28.70 -11.27
C PHE D 43 -27.43 27.77 -10.71
N GLY D 44 -27.01 26.84 -9.85
CA GLY D 44 -27.94 25.91 -9.25
C GLY D 44 -28.20 24.63 -10.03
N ALA D 45 -27.12 24.02 -10.54
CA ALA D 45 -27.22 22.79 -11.33
C ALA D 45 -27.91 21.63 -10.62
N CYS D 46 -27.52 21.37 -9.37
CA CYS D 46 -28.12 20.28 -8.60
C CYS D 46 -29.38 20.72 -7.86
N GLU D 47 -29.79 21.97 -8.09
CA GLU D 47 -31.00 22.52 -7.48
C GLU D 47 -30.97 22.63 -5.96
N GLY D 48 -29.85 23.08 -5.42
CA GLY D 48 -29.71 23.26 -3.98
C GLY D 48 -29.68 22.01 -3.12
N THR D 49 -28.95 20.98 -3.55
CA THR D 49 -28.87 19.75 -2.78
C THR D 49 -27.43 19.34 -2.48
N LEU D 50 -26.53 20.33 -2.44
CA LEU D 50 -25.11 20.10 -2.16
C LEU D 50 -24.51 18.95 -2.97
N ALA D 51 -24.80 18.93 -4.27
CA ALA D 51 -24.29 17.90 -5.17
C ALA D 51 -23.49 18.57 -6.28
N CYS D 52 -23.28 19.87 -6.15
CA CYS D 52 -22.53 20.64 -7.13
C CYS D 52 -21.85 21.82 -6.45
N SER D 53 -21.45 22.80 -7.25
CA SER D 53 -20.77 23.97 -6.73
C SER D 53 -21.19 25.20 -7.54
N THR D 54 -22.19 25.03 -8.40
CA THR D 54 -22.67 26.10 -9.28
C THR D 54 -23.35 27.29 -8.61
N CYS D 55 -23.71 27.15 -7.33
CA CYS D 55 -24.37 28.24 -6.62
C CYS D 55 -23.38 29.07 -5.81
N HIS D 56 -22.11 28.85 -6.08
CA HIS D 56 -21.02 29.53 -5.41
C HIS D 56 -21.11 31.07 -5.47
N LEU D 57 -21.08 31.72 -4.31
CA LEU D 57 -21.15 33.19 -4.22
C LEU D 57 -20.12 33.77 -3.25
N ILE D 58 -19.54 34.91 -3.63
CA ILE D 58 -18.54 35.60 -2.79
C ILE D 58 -19.20 36.80 -2.10
N PHE D 59 -19.44 36.68 -0.80
CA PHE D 59 -20.09 37.72 -0.02
C PHE D 59 -19.16 38.83 0.47
N GLU D 60 -19.76 39.89 1.00
CA GLU D 60 -19.00 41.01 1.55
C GLU D 60 -18.58 40.60 2.96
N GLN D 61 -17.42 41.07 3.41
CA GLN D 61 -16.89 40.74 4.72
C GLN D 61 -17.84 40.81 5.92
N HIS D 62 -18.52 41.94 6.11
CA HIS D 62 -19.44 42.09 7.23
C HIS D 62 -20.62 41.14 7.19
N ILE D 63 -21.10 40.82 5.98
CA ILE D 63 -22.22 39.91 5.83
C ILE D 63 -21.75 38.47 6.06
N PHE D 64 -20.63 38.13 5.45
CA PHE D 64 -20.05 36.80 5.55
C PHE D 64 -19.88 36.26 6.98
N GLU D 65 -19.19 37.02 7.83
CA GLU D 65 -18.94 36.59 9.20
C GLU D 65 -20.20 36.46 10.06
N LYS D 66 -21.34 36.86 9.51
CA LYS D 66 -22.59 36.77 10.24
C LYS D 66 -23.47 35.64 9.69
N LEU D 67 -22.98 34.96 8.65
CA LEU D 67 -23.72 33.87 8.03
C LEU D 67 -23.70 32.62 8.91
N GLU D 68 -24.77 31.84 8.87
CA GLU D 68 -24.86 30.60 9.66
C GLU D 68 -23.58 29.80 9.52
N ALA D 69 -23.30 28.92 10.47
CA ALA D 69 -22.10 28.09 10.42
C ALA D 69 -22.14 27.17 9.20
N ILE D 70 -20.97 26.98 8.58
CA ILE D 70 -20.86 26.12 7.40
C ILE D 70 -20.65 24.66 7.80
N THR D 71 -21.47 23.78 7.26
CA THR D 71 -21.41 22.35 7.56
C THR D 71 -20.34 21.61 6.75
N ASP D 72 -20.07 20.37 7.13
CA ASP D 72 -19.07 19.55 6.45
C ASP D 72 -19.55 19.23 5.04
N GLU D 73 -20.85 19.02 4.91
CA GLU D 73 -21.44 18.70 3.63
C GLU D 73 -21.21 19.84 2.64
N GLU D 74 -21.46 21.08 3.07
CA GLU D 74 -21.26 22.23 2.20
C GLU D 74 -19.78 22.41 1.90
N ASN D 75 -18.93 22.19 2.89
CA ASN D 75 -17.49 22.32 2.70
C ASN D 75 -16.97 21.28 1.71
N ASP D 76 -17.62 20.12 1.69
CA ASP D 76 -17.21 19.06 0.77
C ASP D 76 -17.38 19.53 -0.68
N MET D 77 -18.44 20.27 -0.93
CA MET D 77 -18.71 20.79 -2.27
C MET D 77 -17.92 22.07 -2.50
N LEU D 78 -17.87 22.92 -1.49
CA LEU D 78 -17.17 24.19 -1.58
C LEU D 78 -15.68 24.00 -1.87
N ASP D 79 -15.14 22.84 -1.47
CA ASP D 79 -13.73 22.52 -1.70
C ASP D 79 -13.39 22.38 -3.18
N LEU D 80 -14.37 21.95 -3.97
CA LEU D 80 -14.18 21.77 -5.41
C LEU D 80 -14.69 22.97 -6.20
N ALA D 81 -14.86 24.10 -5.53
CA ALA D 81 -15.37 25.31 -6.17
C ALA D 81 -14.34 26.08 -6.99
N TYR D 82 -14.82 26.65 -8.09
CA TYR D 82 -14.01 27.44 -9.00
C TYR D 82 -13.92 28.86 -8.44
N GLY D 83 -12.71 29.41 -8.42
CA GLY D 83 -12.52 30.77 -7.91
C GLY D 83 -12.92 30.94 -6.46
N LEU D 84 -12.56 29.96 -5.64
CA LEU D 84 -12.88 29.99 -4.22
C LEU D 84 -12.22 31.18 -3.52
N THR D 85 -12.80 31.64 -2.42
CA THR D 85 -12.25 32.76 -1.67
C THR D 85 -12.46 32.54 -0.17
N ASP D 86 -12.14 33.53 0.65
CA ASP D 86 -12.31 33.42 2.09
C ASP D 86 -13.66 33.96 2.55
N ARG D 87 -14.48 34.38 1.59
CA ARG D 87 -15.81 34.91 1.85
C ARG D 87 -16.79 34.23 0.90
N SER D 88 -16.45 33.00 0.52
CA SER D 88 -17.27 32.20 -0.39
C SER D 88 -18.18 31.22 0.37
N ARG D 89 -19.38 31.03 -0.16
CA ARG D 89 -20.37 30.11 0.41
C ARG D 89 -21.22 29.57 -0.73
N LEU D 90 -22.00 28.54 -0.45
CA LEU D 90 -22.87 27.99 -1.48
C LEU D 90 -24.24 28.67 -1.36
N GLY D 91 -24.55 29.51 -2.34
CA GLY D 91 -25.80 30.25 -2.36
C GLY D 91 -27.06 29.53 -1.95
N CYS D 92 -27.17 28.25 -2.27
CA CYS D 92 -28.37 27.49 -1.92
C CYS D 92 -28.43 27.20 -0.43
N GLN D 93 -27.35 27.50 0.28
CA GLN D 93 -27.28 27.28 1.72
C GLN D 93 -27.44 28.59 2.51
N ILE D 94 -27.54 29.70 1.79
CA ILE D 94 -27.69 31.02 2.41
C ILE D 94 -29.13 31.53 2.29
N CYS D 95 -29.79 31.72 3.43
CA CYS D 95 -31.16 32.21 3.45
C CYS D 95 -31.19 33.69 3.84
N LEU D 96 -32.04 34.47 3.18
CA LEU D 96 -32.15 35.90 3.42
C LEU D 96 -32.53 36.37 4.82
N THR D 97 -31.83 37.41 5.27
CA THR D 97 -32.04 38.04 6.57
C THR D 97 -32.08 39.54 6.30
N LYS D 98 -32.81 40.27 7.15
CA LYS D 98 -32.93 41.71 6.99
C LYS D 98 -31.57 42.40 6.83
N ALA D 99 -30.55 41.87 7.49
CA ALA D 99 -29.20 42.43 7.42
C ALA D 99 -28.62 42.40 6.00
N MET D 100 -29.14 41.51 5.17
CA MET D 100 -28.67 41.39 3.79
C MET D 100 -29.29 42.36 2.81
N ASP D 101 -30.27 43.13 3.27
CA ASP D 101 -30.93 44.10 2.40
C ASP D 101 -29.87 44.97 1.70
N ASN D 102 -30.00 45.05 0.38
CA ASN D 102 -29.08 45.83 -0.45
C ASN D 102 -27.65 45.31 -0.49
N MET D 103 -27.41 44.11 0.02
CA MET D 103 -26.08 43.54 0.03
C MET D 103 -25.67 43.23 -1.41
N THR D 104 -24.38 42.98 -1.62
CA THR D 104 -23.87 42.67 -2.94
C THR D 104 -23.08 41.38 -2.91
N VAL D 105 -23.49 40.42 -3.74
CA VAL D 105 -22.80 39.14 -3.84
C VAL D 105 -22.22 38.99 -5.23
N ARG D 106 -21.02 38.43 -5.31
CA ARG D 106 -20.34 38.25 -6.59
C ARG D 106 -20.11 36.77 -6.90
N VAL D 107 -19.97 36.45 -8.18
CA VAL D 107 -19.71 35.09 -8.60
C VAL D 107 -18.31 35.05 -9.22
N PRO D 108 -17.55 33.97 -8.98
CA PRO D 108 -16.20 33.91 -9.55
C PRO D 108 -16.23 34.16 -11.06
N ASP D 109 -15.09 34.56 -11.63
CA ASP D 109 -15.04 34.86 -13.05
C ASP D 109 -13.69 34.59 -13.71
N ALA D 110 -13.17 33.38 -13.53
CA ALA D 110 -11.88 32.98 -14.10
C ALA D 110 -10.83 34.09 -13.95
#